data_2CD5
# 
_entry.id   2CD5 
# 
_audit_conform.dict_name       mmcif_pdbx.dic 
_audit_conform.dict_version    5.392 
_audit_conform.dict_location   http://mmcif.pdb.org/dictionaries/ascii/mmcif_pdbx.dic 
# 
loop_
_database_2.database_id 
_database_2.database_code 
_database_2.pdbx_database_accession 
_database_2.pdbx_DOI 
PDB   2CD5         pdb_00002cd5 10.2210/pdb2cd5/pdb 
PDBE  EBI-27329    ?            ?                   
WWPDB D_1290027329 ?            ?                   
# 
loop_
_pdbx_audit_revision_history.ordinal 
_pdbx_audit_revision_history.data_content_type 
_pdbx_audit_revision_history.major_revision 
_pdbx_audit_revision_history.minor_revision 
_pdbx_audit_revision_history.revision_date 
1 'Structure model' 1 0 2007-05-01 
2 'Structure model' 1 1 2016-01-27 
3 'Structure model' 1 2 2024-05-15 
# 
_pdbx_audit_revision_details.ordinal             1 
_pdbx_audit_revision_details.revision_ordinal    1 
_pdbx_audit_revision_details.data_content_type   'Structure model' 
_pdbx_audit_revision_details.provider            repository 
_pdbx_audit_revision_details.type                'Initial release' 
_pdbx_audit_revision_details.description         ? 
_pdbx_audit_revision_details.details             ? 
# 
loop_
_pdbx_audit_revision_group.ordinal 
_pdbx_audit_revision_group.revision_ordinal 
_pdbx_audit_revision_group.data_content_type 
_pdbx_audit_revision_group.group 
1 2 'Structure model' 'Derived calculations'      
2 2 'Structure model' Other                       
3 2 'Structure model' 'Version format compliance' 
4 3 'Structure model' 'Data collection'           
5 3 'Structure model' 'Database references'       
# 
loop_
_pdbx_audit_revision_category.ordinal 
_pdbx_audit_revision_category.revision_ordinal 
_pdbx_audit_revision_category.data_content_type 
_pdbx_audit_revision_category.category 
1 3 'Structure model' chem_comp_atom    
2 3 'Structure model' chem_comp_bond    
3 3 'Structure model' database_2        
4 3 'Structure model' pdbx_nmr_software 
# 
loop_
_pdbx_audit_revision_item.ordinal 
_pdbx_audit_revision_item.revision_ordinal 
_pdbx_audit_revision_item.data_content_type 
_pdbx_audit_revision_item.item 
1 3 'Structure model' '_database_2.pdbx_DOI'                
2 3 'Structure model' '_database_2.pdbx_database_accession' 
3 3 'Structure model' '_pdbx_nmr_software.name'             
# 
_pdbx_database_status.status_code                     REL 
_pdbx_database_status.entry_id                        2CD5 
_pdbx_database_status.deposit_site                    PDBE 
_pdbx_database_status.process_site                    PDBE 
_pdbx_database_status.SG_entry                        . 
_pdbx_database_status.recvd_initial_deposition_date   2006-01-19 
_pdbx_database_status.pdb_format_compatible           Y 
_pdbx_database_status.status_code_sf                  ? 
_pdbx_database_status.status_code_mr                  ? 
_pdbx_database_status.status_code_cs                  ? 
_pdbx_database_status.methods_development_category    ? 
_pdbx_database_status.status_code_nmr_data            ? 
# 
loop_
_pdbx_database_related.db_name 
_pdbx_database_related.db_id 
_pdbx_database_related.content_type 
_pdbx_database_related.details 
PDB 2CD1 unspecified 'REFINEMENT OF P4 STEMLOOP STRUCTURE USING RESIDUAL DIPOLAR COUPLING DATA' 
PDB 2CD3 unspecified 'REFINEMENT OF RNASE P P4 STEMLOOP STRUCTURE USING RESIDUAL DIPOLAR COUPLING DATA - C70U MUTANT' 
PDB 2CD6 unspecified 
'REFINEMENT OF RNASE P P4 STEMLOOP STRUCTURE USING RESIDUAL DIPOLAR COUPLING DATA, C70U MUTANT COBALT(III) HEXAMMINE COMPLEX' 
# 
_audit_author.name           'Schmitz, M.' 
_audit_author.pdbx_ordinal   1 
# 
_citation.id                        1 
_citation.title                     'Solution Structure and Metal-Ion Binding of the P4 Element from Bacterial Rnase P RNA' 
_citation.journal_abbrev            RNA 
_citation.journal_volume            6 
_citation.page_first                1212 
_citation.page_last                 ? 
_citation.year                      2000 
_citation.journal_id_ASTM           RNARFU 
_citation.country                   UK 
_citation.journal_id_ISSN           1355-8382 
_citation.journal_id_CSD            2122 
_citation.book_publisher            ? 
_citation.pdbx_database_id_PubMed   10999599 
_citation.pdbx_database_id_DOI      10.1017/S1355838200000881 
# 
loop_
_citation_author.citation_id 
_citation_author.name 
_citation_author.ordinal 
_citation_author.identifier_ORCID 
1 'Schmitz, M.'       1 ? 
1 'Tinoco Junior, I.' 2 ? 
# 
loop_
_entity.id 
_entity.type 
_entity.src_method 
_entity.pdbx_description 
_entity.formula_weight 
_entity.pdbx_number_of_molecules 
_entity.pdbx_ec 
_entity.pdbx_mutation 
_entity.pdbx_fragment 
_entity.details 
1 polymer     syn 
;5'-R(*GP*GP*AP*AP*GP*UP*CP*CP*GP*GP*UP*CP*UP *UP*CP*GP*GP*AP*CP*CP*GP*GP*CP*UP*UP*CP*C)-3'
;
8633.143 1 ? ? 'P4 STEM, RESIDUES 1-27' ? 
2 non-polymer syn 'COBALT HEXAMMINE(III)'                                                                      161.116  1 ? ? ? ? 
# 
_entity_name_com.entity_id   1 
_entity_name_com.name        'RNASE P RIBOZYME, P4 DOMAIN' 
# 
_entity_poly.entity_id                      1 
_entity_poly.type                           polyribonucleotide 
_entity_poly.nstd_linkage                   no 
_entity_poly.nstd_monomer                   no 
_entity_poly.pdbx_seq_one_letter_code       GGAAGUCCGGUCUUCGGACCGGCUUCC 
_entity_poly.pdbx_seq_one_letter_code_can   GGAAGUCCGGUCUUCGGACCGGCUUCC 
_entity_poly.pdbx_strand_id                 A 
_entity_poly.pdbx_target_identifier         ? 
# 
_pdbx_entity_nonpoly.entity_id   2 
_pdbx_entity_nonpoly.name        'COBALT HEXAMMINE(III)' 
_pdbx_entity_nonpoly.comp_id     NCO 
# 
loop_
_entity_poly_seq.entity_id 
_entity_poly_seq.num 
_entity_poly_seq.mon_id 
_entity_poly_seq.hetero 
1 1  G n 
1 2  G n 
1 3  A n 
1 4  A n 
1 5  G n 
1 6  U n 
1 7  C n 
1 8  C n 
1 9  G n 
1 10 G n 
1 11 U n 
1 12 C n 
1 13 U n 
1 14 U n 
1 15 C n 
1 16 G n 
1 17 G n 
1 18 A n 
1 19 C n 
1 20 C n 
1 21 G n 
1 22 G n 
1 23 C n 
1 24 U n 
1 25 U n 
1 26 C n 
1 27 C n 
# 
_pdbx_entity_src_syn.entity_id              1 
_pdbx_entity_src_syn.pdbx_src_id            1 
_pdbx_entity_src_syn.pdbx_alt_source_flag   sample 
_pdbx_entity_src_syn.pdbx_beg_seq_num       ? 
_pdbx_entity_src_syn.pdbx_end_seq_num       ? 
_pdbx_entity_src_syn.organism_scientific    'ESCHERICHIA COLI' 
_pdbx_entity_src_syn.organism_common_name   ? 
_pdbx_entity_src_syn.ncbi_taxonomy_id       562 
_pdbx_entity_src_syn.details                ? 
# 
loop_
_chem_comp.id 
_chem_comp.type 
_chem_comp.mon_nstd_flag 
_chem_comp.name 
_chem_comp.pdbx_synonyms 
_chem_comp.formula 
_chem_comp.formula_weight 
A   'RNA linking' y "ADENOSINE-5'-MONOPHOSPHATE" ? 'C10 H14 N5 O7 P' 347.221 
C   'RNA linking' y "CYTIDINE-5'-MONOPHOSPHATE"  ? 'C9 H14 N3 O8 P'  323.197 
G   'RNA linking' y "GUANOSINE-5'-MONOPHOSPHATE" ? 'C10 H14 N5 O8 P' 363.221 
NCO non-polymer   . 'COBALT HEXAMMINE(III)'      ? 'Co H18 N6 3'     161.116 
U   'RNA linking' y "URIDINE-5'-MONOPHOSPHATE"   ? 'C9 H13 N2 O9 P'  324.181 
# 
loop_
_pdbx_poly_seq_scheme.asym_id 
_pdbx_poly_seq_scheme.entity_id 
_pdbx_poly_seq_scheme.seq_id 
_pdbx_poly_seq_scheme.mon_id 
_pdbx_poly_seq_scheme.ndb_seq_num 
_pdbx_poly_seq_scheme.pdb_seq_num 
_pdbx_poly_seq_scheme.auth_seq_num 
_pdbx_poly_seq_scheme.pdb_mon_id 
_pdbx_poly_seq_scheme.auth_mon_id 
_pdbx_poly_seq_scheme.pdb_strand_id 
_pdbx_poly_seq_scheme.pdb_ins_code 
_pdbx_poly_seq_scheme.hetero 
A 1 1  G 1  1  1  G G A . n 
A 1 2  G 2  2  2  G G A . n 
A 1 3  A 3  3  3  A A A . n 
A 1 4  A 4  4  4  A A A . n 
A 1 5  G 5  5  5  G G A . n 
A 1 6  U 6  6  6  U U A . n 
A 1 7  C 7  7  7  C C A . n 
A 1 8  C 8  8  8  C C A . n 
A 1 9  G 9  9  9  G G A . n 
A 1 10 G 10 10 10 G G A . n 
A 1 11 U 11 11 11 U U A . n 
A 1 12 C 12 12 12 C C A . n 
A 1 13 U 13 13 13 U U A . n 
A 1 14 U 14 14 14 U U A . n 
A 1 15 C 15 15 15 C C A . n 
A 1 16 G 16 16 16 G G A . n 
A 1 17 G 17 17 17 G G A . n 
A 1 18 A 18 18 18 A A A . n 
A 1 19 C 19 19 19 C C A . n 
A 1 20 C 20 20 20 C C A . n 
A 1 21 G 21 21 21 G G A . n 
A 1 22 G 22 22 22 G G A . n 
A 1 23 C 23 23 23 C C A . n 
A 1 24 U 24 24 24 U U A . n 
A 1 25 U 25 25 25 U U A . n 
A 1 26 C 26 26 26 C C A . n 
A 1 27 C 27 27 27 C C A . n 
# 
_pdbx_nonpoly_scheme.asym_id         B 
_pdbx_nonpoly_scheme.entity_id       2 
_pdbx_nonpoly_scheme.mon_id          NCO 
_pdbx_nonpoly_scheme.ndb_seq_num     1 
_pdbx_nonpoly_scheme.pdb_seq_num     1028 
_pdbx_nonpoly_scheme.auth_seq_num    1028 
_pdbx_nonpoly_scheme.pdb_mon_id      NCO 
_pdbx_nonpoly_scheme.auth_mon_id     NCO 
_pdbx_nonpoly_scheme.pdb_strand_id   A 
_pdbx_nonpoly_scheme.pdb_ins_code    . 
# 
_cell.entry_id           2CD5 
_cell.length_a           1.000 
_cell.length_b           1.000 
_cell.length_c           1.000 
_cell.angle_alpha        90.00 
_cell.angle_beta         90.00 
_cell.angle_gamma        90.00 
_cell.Z_PDB              1 
_cell.pdbx_unique_axis   ? 
# 
_symmetry.entry_id                         2CD5 
_symmetry.space_group_name_H-M             'P 1' 
_symmetry.pdbx_full_space_group_name_H-M   ? 
_symmetry.cell_setting                     ? 
_symmetry.Int_Tables_number                1 
# 
_exptl.entry_id          2CD5 
_exptl.method            'SOLUTION NMR' 
_exptl.crystals_number   ? 
# 
_struct.entry_id                  2CD5 
_struct.title                     
'Refinement of RNase P P4 stemloop structure using residual dipolar couplings - cobalt(III) hexammine complex structure' 
_struct.pdbx_model_details        ? 
_struct.pdbx_CASP_flag            ? 
_struct.pdbx_model_type_details   'MINIMIZED AVERAGE' 
# 
_struct_keywords.entry_id        2CD5 
_struct_keywords.pdbx_keywords   'NUCLEIC ACID' 
_struct_keywords.text            
;COBALT (III) HEXAMMINE COMPLEX, METAL BINDING SITE, METAL COMPLEX, P4 STEM, RIBONUCLEASE P, RIBONUCLEIC ACID, RIBOZYME, TRANSFER RNA PROCESSING, NUCLEIC ACID
;
# 
loop_
_struct_asym.id 
_struct_asym.pdbx_blank_PDB_chainid_flag 
_struct_asym.pdbx_modified 
_struct_asym.entity_id 
_struct_asym.details 
A N N 1 ? 
B N N 2 ? 
# 
_struct_ref.id                         1 
_struct_ref.db_name                    PDB 
_struct_ref.db_code                    2CD5 
_struct_ref.entity_id                  1 
_struct_ref.pdbx_seq_one_letter_code   ? 
_struct_ref.pdbx_align_begin           ? 
_struct_ref.pdbx_db_accession          2CD5 
_struct_ref.pdbx_db_isoform            ? 
# 
_struct_ref_seq.align_id                      1 
_struct_ref_seq.ref_id                        1 
_struct_ref_seq.pdbx_PDB_id_code              2CD5 
_struct_ref_seq.pdbx_strand_id                A 
_struct_ref_seq.seq_align_beg                 1 
_struct_ref_seq.pdbx_seq_align_beg_ins_code   ? 
_struct_ref_seq.seq_align_end                 27 
_struct_ref_seq.pdbx_seq_align_end_ins_code   ? 
_struct_ref_seq.pdbx_db_accession             2CD5 
_struct_ref_seq.db_align_beg                  1 
_struct_ref_seq.pdbx_db_align_beg_ins_code    ? 
_struct_ref_seq.db_align_end                  27 
_struct_ref_seq.pdbx_db_align_end_ins_code    ? 
_struct_ref_seq.pdbx_auth_seq_align_beg       1 
_struct_ref_seq.pdbx_auth_seq_align_end       27 
# 
_pdbx_struct_assembly.id                   1 
_pdbx_struct_assembly.details              author_defined_assembly 
_pdbx_struct_assembly.method_details       ? 
_pdbx_struct_assembly.oligomeric_details   monomeric 
_pdbx_struct_assembly.oligomeric_count     1 
# 
_pdbx_struct_assembly_gen.assembly_id       1 
_pdbx_struct_assembly_gen.oper_expression   1 
_pdbx_struct_assembly_gen.asym_id_list      A,B 
# 
_pdbx_struct_oper_list.id                   1 
_pdbx_struct_oper_list.type                 'identity operation' 
_pdbx_struct_oper_list.name                 1_555 
_pdbx_struct_oper_list.symmetry_operation   x,y,z 
_pdbx_struct_oper_list.matrix[1][1]         1.0000000000 
_pdbx_struct_oper_list.matrix[1][2]         0.0000000000 
_pdbx_struct_oper_list.matrix[1][3]         0.0000000000 
_pdbx_struct_oper_list.vector[1]            0.0000000000 
_pdbx_struct_oper_list.matrix[2][1]         0.0000000000 
_pdbx_struct_oper_list.matrix[2][2]         1.0000000000 
_pdbx_struct_oper_list.matrix[2][3]         0.0000000000 
_pdbx_struct_oper_list.vector[2]            0.0000000000 
_pdbx_struct_oper_list.matrix[3][1]         0.0000000000 
_pdbx_struct_oper_list.matrix[3][2]         0.0000000000 
_pdbx_struct_oper_list.matrix[3][3]         1.0000000000 
_pdbx_struct_oper_list.vector[3]            0.0000000000 
# 
_struct_biol.id   1 
# 
loop_
_struct_conn.id 
_struct_conn.conn_type_id 
_struct_conn.pdbx_leaving_atom_flag 
_struct_conn.pdbx_PDB_id 
_struct_conn.ptnr1_label_asym_id 
_struct_conn.ptnr1_label_comp_id 
_struct_conn.ptnr1_label_seq_id 
_struct_conn.ptnr1_label_atom_id 
_struct_conn.pdbx_ptnr1_label_alt_id 
_struct_conn.pdbx_ptnr1_PDB_ins_code 
_struct_conn.pdbx_ptnr1_standard_comp_id 
_struct_conn.ptnr1_symmetry 
_struct_conn.ptnr2_label_asym_id 
_struct_conn.ptnr2_label_comp_id 
_struct_conn.ptnr2_label_seq_id 
_struct_conn.ptnr2_label_atom_id 
_struct_conn.pdbx_ptnr2_label_alt_id 
_struct_conn.pdbx_ptnr2_PDB_ins_code 
_struct_conn.ptnr1_auth_asym_id 
_struct_conn.ptnr1_auth_comp_id 
_struct_conn.ptnr1_auth_seq_id 
_struct_conn.ptnr2_auth_asym_id 
_struct_conn.ptnr2_auth_comp_id 
_struct_conn.ptnr2_auth_seq_id 
_struct_conn.ptnr2_symmetry 
_struct_conn.pdbx_ptnr3_label_atom_id 
_struct_conn.pdbx_ptnr3_label_seq_id 
_struct_conn.pdbx_ptnr3_label_comp_id 
_struct_conn.pdbx_ptnr3_label_asym_id 
_struct_conn.pdbx_ptnr3_label_alt_id 
_struct_conn.pdbx_ptnr3_PDB_ins_code 
_struct_conn.details 
_struct_conn.pdbx_dist_value 
_struct_conn.pdbx_value_order 
_struct_conn.pdbx_role 
hydrog1  hydrog ? ? A G 1  N1 ? ? ? 1_555 A C 27 N3 ? ? A G 1  A C 27 1_555 ? ? ? ? ? ? WATSON-CRICK  ? ? ? 
hydrog2  hydrog ? ? A G 1  N2 ? ? ? 1_555 A C 27 O2 ? ? A G 1  A C 27 1_555 ? ? ? ? ? ? WATSON-CRICK  ? ? ? 
hydrog3  hydrog ? ? A G 1  O6 ? ? ? 1_555 A C 27 N4 ? ? A G 1  A C 27 1_555 ? ? ? ? ? ? WATSON-CRICK  ? ? ? 
hydrog4  hydrog ? ? A G 2  N1 ? ? ? 1_555 A C 26 N3 ? ? A G 2  A C 26 1_555 ? ? ? ? ? ? WATSON-CRICK  ? ? ? 
hydrog5  hydrog ? ? A G 2  N2 ? ? ? 1_555 A C 26 O2 ? ? A G 2  A C 26 1_555 ? ? ? ? ? ? WATSON-CRICK  ? ? ? 
hydrog6  hydrog ? ? A G 2  O6 ? ? ? 1_555 A C 26 N4 ? ? A G 2  A C 26 1_555 ? ? ? ? ? ? WATSON-CRICK  ? ? ? 
hydrog7  hydrog ? ? A A 3  N1 ? ? ? 1_555 A U 25 N3 ? ? A A 3  A U 25 1_555 ? ? ? ? ? ? WATSON-CRICK  ? ? ? 
hydrog8  hydrog ? ? A A 3  N6 ? ? ? 1_555 A U 25 O4 ? ? A A 3  A U 25 1_555 ? ? ? ? ? ? WATSON-CRICK  ? ? ? 
hydrog9  hydrog ? ? A A 4  N1 ? ? ? 1_555 A U 24 N3 ? ? A A 4  A U 24 1_555 ? ? ? ? ? ? WATSON-CRICK  ? ? ? 
hydrog10 hydrog ? ? A A 4  N6 ? ? ? 1_555 A U 24 O4 ? ? A A 4  A U 24 1_555 ? ? ? ? ? ? WATSON-CRICK  ? ? ? 
hydrog11 hydrog ? ? A G 5  N1 ? ? ? 1_555 A C 23 N3 ? ? A G 5  A C 23 1_555 ? ? ? ? ? ? WATSON-CRICK  ? ? ? 
hydrog12 hydrog ? ? A G 5  N2 ? ? ? 1_555 A C 23 O2 ? ? A G 5  A C 23 1_555 ? ? ? ? ? ? WATSON-CRICK  ? ? ? 
hydrog13 hydrog ? ? A G 5  O6 ? ? ? 1_555 A C 23 N4 ? ? A G 5  A C 23 1_555 ? ? ? ? ? ? WATSON-CRICK  ? ? ? 
hydrog14 hydrog ? ? A C 7  N3 ? ? ? 1_555 A G 22 N1 ? ? A C 7  A G 22 1_555 ? ? ? ? ? ? WATSON-CRICK  ? ? ? 
hydrog15 hydrog ? ? A C 7  N4 ? ? ? 1_555 A G 22 O6 ? ? A C 7  A G 22 1_555 ? ? ? ? ? ? WATSON-CRICK  ? ? ? 
hydrog16 hydrog ? ? A C 7  O2 ? ? ? 1_555 A G 22 N2 ? ? A C 7  A G 22 1_555 ? ? ? ? ? ? WATSON-CRICK  ? ? ? 
hydrog17 hydrog ? ? A C 8  N3 ? ? ? 1_555 A G 21 N1 ? ? A C 8  A G 21 1_555 ? ? ? ? ? ? WATSON-CRICK  ? ? ? 
hydrog18 hydrog ? ? A C 8  N4 ? ? ? 1_555 A G 21 O6 ? ? A C 8  A G 21 1_555 ? ? ? ? ? ? WATSON-CRICK  ? ? ? 
hydrog19 hydrog ? ? A C 8  O2 ? ? ? 1_555 A G 21 N2 ? ? A C 8  A G 21 1_555 ? ? ? ? ? ? WATSON-CRICK  ? ? ? 
hydrog20 hydrog ? ? A G 9  N1 ? ? ? 1_555 A C 20 N3 ? ? A G 9  A C 20 1_555 ? ? ? ? ? ? WATSON-CRICK  ? ? ? 
hydrog21 hydrog ? ? A G 9  N2 ? ? ? 1_555 A C 20 O2 ? ? A G 9  A C 20 1_555 ? ? ? ? ? ? WATSON-CRICK  ? ? ? 
hydrog22 hydrog ? ? A G 9  O6 ? ? ? 1_555 A C 20 N4 ? ? A G 9  A C 20 1_555 ? ? ? ? ? ? WATSON-CRICK  ? ? ? 
hydrog23 hydrog ? ? A G 10 N1 ? ? ? 1_555 A C 19 N3 ? ? A G 10 A C 19 1_555 ? ? ? ? ? ? WATSON-CRICK  ? ? ? 
hydrog24 hydrog ? ? A G 10 N2 ? ? ? 1_555 A C 19 O2 ? ? A G 10 A C 19 1_555 ? ? ? ? ? ? WATSON-CRICK  ? ? ? 
hydrog25 hydrog ? ? A G 10 O6 ? ? ? 1_555 A C 19 N4 ? ? A G 10 A C 19 1_555 ? ? ? ? ? ? WATSON-CRICK  ? ? ? 
hydrog26 hydrog ? ? A U 11 N3 ? ? ? 1_555 A A 18 N1 ? ? A U 11 A A 18 1_555 ? ? ? ? ? ? WATSON-CRICK  ? ? ? 
hydrog27 hydrog ? ? A U 11 O4 ? ? ? 1_555 A A 18 N6 ? ? A U 11 A A 18 1_555 ? ? ? ? ? ? WATSON-CRICK  ? ? ? 
hydrog28 hydrog ? ? A C 12 N3 ? ? ? 1_555 A G 17 N1 ? ? A C 12 A G 17 1_555 ? ? ? ? ? ? WATSON-CRICK  ? ? ? 
hydrog29 hydrog ? ? A C 12 N4 ? ? ? 1_555 A G 17 O6 ? ? A C 12 A G 17 1_555 ? ? ? ? ? ? WATSON-CRICK  ? ? ? 
hydrog30 hydrog ? ? A C 12 O2 ? ? ? 1_555 A G 17 N2 ? ? A C 12 A G 17 1_555 ? ? ? ? ? ? WATSON-CRICK  ? ? ? 
hydrog31 hydrog ? ? A U 13 O2 ? ? ? 1_555 A G 16 N1 ? ? A U 13 A G 16 1_555 ? ? ? ? ? ? 'U-G MISPAIR' ? ? ? 
# 
_struct_conn_type.id          hydrog 
_struct_conn_type.criteria    ? 
_struct_conn_type.reference   ? 
# 
_struct_site.id                   AC1 
_struct_site.pdbx_evidence_code   Software 
_struct_site.pdbx_auth_asym_id    ? 
_struct_site.pdbx_auth_comp_id    ? 
_struct_site.pdbx_auth_seq_id     ? 
_struct_site.pdbx_auth_ins_code   ? 
_struct_site.pdbx_num_residues    6 
_struct_site.details              'BINDING SITE FOR RESIDUE NCO A1028' 
# 
loop_
_struct_site_gen.id 
_struct_site_gen.site_id 
_struct_site_gen.pdbx_num_res 
_struct_site_gen.label_comp_id 
_struct_site_gen.label_asym_id 
_struct_site_gen.label_seq_id 
_struct_site_gen.pdbx_auth_ins_code 
_struct_site_gen.auth_comp_id 
_struct_site_gen.auth_asym_id 
_struct_site_gen.auth_seq_id 
_struct_site_gen.label_atom_id 
_struct_site_gen.label_alt_id 
_struct_site_gen.symmetry 
_struct_site_gen.details 
1 AC1 6 G A 5  ? G A 5  . ? 1_555 ? 
2 AC1 6 C A 7  ? C A 7  . ? 1_555 ? 
3 AC1 6 G A 9  ? G A 9  . ? 1_555 ? 
4 AC1 6 C A 20 ? C A 20 . ? 1_555 ? 
5 AC1 6 G A 21 ? G A 21 . ? 1_555 ? 
6 AC1 6 G A 22 ? G A 22 . ? 1_555 ? 
# 
loop_
_pdbx_validate_close_contact.id 
_pdbx_validate_close_contact.PDB_model_num 
_pdbx_validate_close_contact.auth_atom_id_1 
_pdbx_validate_close_contact.auth_asym_id_1 
_pdbx_validate_close_contact.auth_comp_id_1 
_pdbx_validate_close_contact.auth_seq_id_1 
_pdbx_validate_close_contact.PDB_ins_code_1 
_pdbx_validate_close_contact.label_alt_id_1 
_pdbx_validate_close_contact.auth_atom_id_2 
_pdbx_validate_close_contact.auth_asym_id_2 
_pdbx_validate_close_contact.auth_comp_id_2 
_pdbx_validate_close_contact.auth_seq_id_2 
_pdbx_validate_close_contact.PDB_ins_code_2 
_pdbx_validate_close_contact.label_alt_id_2 
_pdbx_validate_close_contact.dist 
1 1 H41 A C 8 ? ? O6  A G 21 ? ? 1.59 
2 1 O6  A G 1 ? ? H41 A C 27 ? ? 1.60 
# 
_pdbx_entry_details.entry_id                 2CD5 
_pdbx_entry_details.compound_details         ? 
_pdbx_entry_details.source_details           ? 
_pdbx_entry_details.nonpolymer_details       ? 
_pdbx_entry_details.sequence_details         
;THE SEQUENCE CORRESPONDS TO NUCLEOTIDES 66 TO 73, AND
354 TO 360 OF THE E. COLI RNASE P RNA, WITH TWO G:C PAIRS
ADDED ON THE 5' SIDE OF THE HELIX, AND ONE U:A PAIR,
ONE C:G PAIR AND A UUCG LOOP ADDED ON THE OTHER
SIDE. IN THE PDB ENTRY,NUCLEOTIDES 3-10 CORRESPOND TO
66-73 IN E. COLI RNASE P RNA, AND NUCLEOTIDES 19-25
CORRESPOND TO 334-360.
;
_pdbx_entry_details.has_ligand_of_interest   ? 
# 
_pdbx_nmr_ensemble.entry_id                             2CD5 
_pdbx_nmr_ensemble.conformers_calculated_total_number   50 
_pdbx_nmr_ensemble.conformers_submitted_total_number    1 
_pdbx_nmr_ensemble.conformer_selection_criteria         'LEAST RESTRAINT VIOLATION' 
# 
_pdbx_nmr_sample_details.solution_id   1 
_pdbx_nmr_sample_details.contents      '90% WATER/10% D2O' 
# 
_pdbx_nmr_exptl_sample_conditions.conditions_id          1 
_pdbx_nmr_exptl_sample_conditions.temperature            288.0 
_pdbx_nmr_exptl_sample_conditions.pressure_units         atm 
_pdbx_nmr_exptl_sample_conditions.pressure               1.0 
_pdbx_nmr_exptl_sample_conditions.pH                     6.5 
_pdbx_nmr_exptl_sample_conditions.ionic_strength         100 
_pdbx_nmr_exptl_sample_conditions.ionic_strength_units   mM 
_pdbx_nmr_exptl_sample_conditions.pH_units               pH 
_pdbx_nmr_exptl_sample_conditions.temperature_units      K 
# 
_pdbx_nmr_exptl.experiment_id   1 
_pdbx_nmr_exptl.conditions_id   1 
_pdbx_nmr_exptl.type            '1H-15N HSQC' 
_pdbx_nmr_exptl.solution_id     1 
# 
_pdbx_nmr_details.entry_id   2CD5 
_pdbx_nmr_details.text       
;THE STRUCTURE WAS DETERMINED USING CONSTRAINTS FROM HOMONUCLEAR NMR EXPERIMENTS AS DESCRIBED IN ENTRY 1F78, AND ADDITIONAL RESIDUAL DIPOLAR COUPLINGS FROM HSQC TYPE EXPERIMENTS ACQURIRED WITH AND WITHOUT 22 MG PER ML PF1 PHAGE IN THE SOLUTION
;
# 
_pdbx_nmr_refine.entry_id           2CD5 
_pdbx_nmr_refine.method             'RESTRAINED MOLECULAR DYNAMICS' 
_pdbx_nmr_refine.details            
'DETAILS OF THE REFINEMENT PROCEDURE AGAINST RESIDUAL DIPOLAR COUPLINGS ARE GIVEN IN THE PRIMARY CITATION ABOVE' 
_pdbx_nmr_refine.software_ordinal   1 
# 
loop_
_pdbx_nmr_software.classification 
_pdbx_nmr_software.name 
_pdbx_nmr_software.version 
_pdbx_nmr_software.authors 
_pdbx_nmr_software.ordinal 
refinement           Xplor-NIH NIH BRUNGER 1 
'structure solution' Xplor-NIH NIH ?       2 
# 
loop_
_chem_comp_atom.comp_id 
_chem_comp_atom.atom_id 
_chem_comp_atom.type_symbol 
_chem_comp_atom.pdbx_aromatic_flag 
_chem_comp_atom.pdbx_stereo_config 
_chem_comp_atom.pdbx_ordinal 
A   OP3    O  N N 1   
A   P      P  N N 2   
A   OP1    O  N N 3   
A   OP2    O  N N 4   
A   "O5'"  O  N N 5   
A   "C5'"  C  N N 6   
A   "C4'"  C  N R 7   
A   "O4'"  O  N N 8   
A   "C3'"  C  N S 9   
A   "O3'"  O  N N 10  
A   "C2'"  C  N R 11  
A   "O2'"  O  N N 12  
A   "C1'"  C  N R 13  
A   N9     N  Y N 14  
A   C8     C  Y N 15  
A   N7     N  Y N 16  
A   C5     C  Y N 17  
A   C6     C  Y N 18  
A   N6     N  N N 19  
A   N1     N  Y N 20  
A   C2     C  Y N 21  
A   N3     N  Y N 22  
A   C4     C  Y N 23  
A   HOP3   H  N N 24  
A   HOP2   H  N N 25  
A   "H5'"  H  N N 26  
A   "H5''" H  N N 27  
A   "H4'"  H  N N 28  
A   "H3'"  H  N N 29  
A   "HO3'" H  N N 30  
A   "H2'"  H  N N 31  
A   "HO2'" H  N N 32  
A   "H1'"  H  N N 33  
A   H8     H  N N 34  
A   H61    H  N N 35  
A   H62    H  N N 36  
A   H2     H  N N 37  
C   OP3    O  N N 38  
C   P      P  N N 39  
C   OP1    O  N N 40  
C   OP2    O  N N 41  
C   "O5'"  O  N N 42  
C   "C5'"  C  N N 43  
C   "C4'"  C  N R 44  
C   "O4'"  O  N N 45  
C   "C3'"  C  N S 46  
C   "O3'"  O  N N 47  
C   "C2'"  C  N R 48  
C   "O2'"  O  N N 49  
C   "C1'"  C  N R 50  
C   N1     N  N N 51  
C   C2     C  N N 52  
C   O2     O  N N 53  
C   N3     N  N N 54  
C   C4     C  N N 55  
C   N4     N  N N 56  
C   C5     C  N N 57  
C   C6     C  N N 58  
C   HOP3   H  N N 59  
C   HOP2   H  N N 60  
C   "H5'"  H  N N 61  
C   "H5''" H  N N 62  
C   "H4'"  H  N N 63  
C   "H3'"  H  N N 64  
C   "HO3'" H  N N 65  
C   "H2'"  H  N N 66  
C   "HO2'" H  N N 67  
C   "H1'"  H  N N 68  
C   H41    H  N N 69  
C   H42    H  N N 70  
C   H5     H  N N 71  
C   H6     H  N N 72  
G   OP3    O  N N 73  
G   P      P  N N 74  
G   OP1    O  N N 75  
G   OP2    O  N N 76  
G   "O5'"  O  N N 77  
G   "C5'"  C  N N 78  
G   "C4'"  C  N R 79  
G   "O4'"  O  N N 80  
G   "C3'"  C  N S 81  
G   "O3'"  O  N N 82  
G   "C2'"  C  N R 83  
G   "O2'"  O  N N 84  
G   "C1'"  C  N R 85  
G   N9     N  Y N 86  
G   C8     C  Y N 87  
G   N7     N  Y N 88  
G   C5     C  Y N 89  
G   C6     C  N N 90  
G   O6     O  N N 91  
G   N1     N  N N 92  
G   C2     C  N N 93  
G   N2     N  N N 94  
G   N3     N  N N 95  
G   C4     C  Y N 96  
G   HOP3   H  N N 97  
G   HOP2   H  N N 98  
G   "H5'"  H  N N 99  
G   "H5''" H  N N 100 
G   "H4'"  H  N N 101 
G   "H3'"  H  N N 102 
G   "HO3'" H  N N 103 
G   "H2'"  H  N N 104 
G   "HO2'" H  N N 105 
G   "H1'"  H  N N 106 
G   H8     H  N N 107 
G   H1     H  N N 108 
G   H21    H  N N 109 
G   H22    H  N N 110 
NCO CO     CO N N 111 
NCO N1     N  N N 112 
NCO N2     N  N N 113 
NCO N3     N  N N 114 
NCO N4     N  N N 115 
NCO N5     N  N N 116 
NCO N6     N  N N 117 
NCO HN11   H  N N 118 
NCO HN12   H  N N 119 
NCO HN13   H  N N 120 
NCO HN21   H  N N 121 
NCO HN22   H  N N 122 
NCO HN23   H  N N 123 
NCO HN31   H  N N 124 
NCO HN32   H  N N 125 
NCO HN33   H  N N 126 
NCO HN41   H  N N 127 
NCO HN42   H  N N 128 
NCO HN43   H  N N 129 
NCO HN51   H  N N 130 
NCO HN52   H  N N 131 
NCO HN53   H  N N 132 
NCO HN61   H  N N 133 
NCO HN62   H  N N 134 
NCO HN63   H  N N 135 
U   OP3    O  N N 136 
U   P      P  N N 137 
U   OP1    O  N N 138 
U   OP2    O  N N 139 
U   "O5'"  O  N N 140 
U   "C5'"  C  N N 141 
U   "C4'"  C  N R 142 
U   "O4'"  O  N N 143 
U   "C3'"  C  N S 144 
U   "O3'"  O  N N 145 
U   "C2'"  C  N R 146 
U   "O2'"  O  N N 147 
U   "C1'"  C  N R 148 
U   N1     N  N N 149 
U   C2     C  N N 150 
U   O2     O  N N 151 
U   N3     N  N N 152 
U   C4     C  N N 153 
U   O4     O  N N 154 
U   C5     C  N N 155 
U   C6     C  N N 156 
U   HOP3   H  N N 157 
U   HOP2   H  N N 158 
U   "H5'"  H  N N 159 
U   "H5''" H  N N 160 
U   "H4'"  H  N N 161 
U   "H3'"  H  N N 162 
U   "HO3'" H  N N 163 
U   "H2'"  H  N N 164 
U   "HO2'" H  N N 165 
U   "H1'"  H  N N 166 
U   H3     H  N N 167 
U   H5     H  N N 168 
U   H6     H  N N 169 
# 
loop_
_chem_comp_bond.comp_id 
_chem_comp_bond.atom_id_1 
_chem_comp_bond.atom_id_2 
_chem_comp_bond.value_order 
_chem_comp_bond.pdbx_aromatic_flag 
_chem_comp_bond.pdbx_stereo_config 
_chem_comp_bond.pdbx_ordinal 
A   OP3   P      sing N N 1   
A   OP3   HOP3   sing N N 2   
A   P     OP1    doub N N 3   
A   P     OP2    sing N N 4   
A   P     "O5'"  sing N N 5   
A   OP2   HOP2   sing N N 6   
A   "O5'" "C5'"  sing N N 7   
A   "C5'" "C4'"  sing N N 8   
A   "C5'" "H5'"  sing N N 9   
A   "C5'" "H5''" sing N N 10  
A   "C4'" "O4'"  sing N N 11  
A   "C4'" "C3'"  sing N N 12  
A   "C4'" "H4'"  sing N N 13  
A   "O4'" "C1'"  sing N N 14  
A   "C3'" "O3'"  sing N N 15  
A   "C3'" "C2'"  sing N N 16  
A   "C3'" "H3'"  sing N N 17  
A   "O3'" "HO3'" sing N N 18  
A   "C2'" "O2'"  sing N N 19  
A   "C2'" "C1'"  sing N N 20  
A   "C2'" "H2'"  sing N N 21  
A   "O2'" "HO2'" sing N N 22  
A   "C1'" N9     sing N N 23  
A   "C1'" "H1'"  sing N N 24  
A   N9    C8     sing Y N 25  
A   N9    C4     sing Y N 26  
A   C8    N7     doub Y N 27  
A   C8    H8     sing N N 28  
A   N7    C5     sing Y N 29  
A   C5    C6     sing Y N 30  
A   C5    C4     doub Y N 31  
A   C6    N6     sing N N 32  
A   C6    N1     doub Y N 33  
A   N6    H61    sing N N 34  
A   N6    H62    sing N N 35  
A   N1    C2     sing Y N 36  
A   C2    N3     doub Y N 37  
A   C2    H2     sing N N 38  
A   N3    C4     sing Y N 39  
C   OP3   P      sing N N 40  
C   OP3   HOP3   sing N N 41  
C   P     OP1    doub N N 42  
C   P     OP2    sing N N 43  
C   P     "O5'"  sing N N 44  
C   OP2   HOP2   sing N N 45  
C   "O5'" "C5'"  sing N N 46  
C   "C5'" "C4'"  sing N N 47  
C   "C5'" "H5'"  sing N N 48  
C   "C5'" "H5''" sing N N 49  
C   "C4'" "O4'"  sing N N 50  
C   "C4'" "C3'"  sing N N 51  
C   "C4'" "H4'"  sing N N 52  
C   "O4'" "C1'"  sing N N 53  
C   "C3'" "O3'"  sing N N 54  
C   "C3'" "C2'"  sing N N 55  
C   "C3'" "H3'"  sing N N 56  
C   "O3'" "HO3'" sing N N 57  
C   "C2'" "O2'"  sing N N 58  
C   "C2'" "C1'"  sing N N 59  
C   "C2'" "H2'"  sing N N 60  
C   "O2'" "HO2'" sing N N 61  
C   "C1'" N1     sing N N 62  
C   "C1'" "H1'"  sing N N 63  
C   N1    C2     sing N N 64  
C   N1    C6     sing N N 65  
C   C2    O2     doub N N 66  
C   C2    N3     sing N N 67  
C   N3    C4     doub N N 68  
C   C4    N4     sing N N 69  
C   C4    C5     sing N N 70  
C   N4    H41    sing N N 71  
C   N4    H42    sing N N 72  
C   C5    C6     doub N N 73  
C   C5    H5     sing N N 74  
C   C6    H6     sing N N 75  
G   OP3   P      sing N N 76  
G   OP3   HOP3   sing N N 77  
G   P     OP1    doub N N 78  
G   P     OP2    sing N N 79  
G   P     "O5'"  sing N N 80  
G   OP2   HOP2   sing N N 81  
G   "O5'" "C5'"  sing N N 82  
G   "C5'" "C4'"  sing N N 83  
G   "C5'" "H5'"  sing N N 84  
G   "C5'" "H5''" sing N N 85  
G   "C4'" "O4'"  sing N N 86  
G   "C4'" "C3'"  sing N N 87  
G   "C4'" "H4'"  sing N N 88  
G   "O4'" "C1'"  sing N N 89  
G   "C3'" "O3'"  sing N N 90  
G   "C3'" "C2'"  sing N N 91  
G   "C3'" "H3'"  sing N N 92  
G   "O3'" "HO3'" sing N N 93  
G   "C2'" "O2'"  sing N N 94  
G   "C2'" "C1'"  sing N N 95  
G   "C2'" "H2'"  sing N N 96  
G   "O2'" "HO2'" sing N N 97  
G   "C1'" N9     sing N N 98  
G   "C1'" "H1'"  sing N N 99  
G   N9    C8     sing Y N 100 
G   N9    C4     sing Y N 101 
G   C8    N7     doub Y N 102 
G   C8    H8     sing N N 103 
G   N7    C5     sing Y N 104 
G   C5    C6     sing N N 105 
G   C5    C4     doub Y N 106 
G   C6    O6     doub N N 107 
G   C6    N1     sing N N 108 
G   N1    C2     sing N N 109 
G   N1    H1     sing N N 110 
G   C2    N2     sing N N 111 
G   C2    N3     doub N N 112 
G   N2    H21    sing N N 113 
G   N2    H22    sing N N 114 
G   N3    C4     sing N N 115 
NCO CO    N1     sing N N 116 
NCO CO    N2     sing N N 117 
NCO CO    N3     sing N N 118 
NCO CO    N4     sing N N 119 
NCO CO    N5     sing N N 120 
NCO CO    N6     sing N N 121 
NCO N1    HN11   sing N N 122 
NCO N1    HN12   sing N N 123 
NCO N1    HN13   sing N N 124 
NCO N2    HN21   sing N N 125 
NCO N2    HN22   sing N N 126 
NCO N2    HN23   sing N N 127 
NCO N3    HN31   sing N N 128 
NCO N3    HN32   sing N N 129 
NCO N3    HN33   sing N N 130 
NCO N4    HN41   sing N N 131 
NCO N4    HN42   sing N N 132 
NCO N4    HN43   sing N N 133 
NCO N5    HN51   sing N N 134 
NCO N5    HN52   sing N N 135 
NCO N5    HN53   sing N N 136 
NCO N6    HN61   sing N N 137 
NCO N6    HN62   sing N N 138 
NCO N6    HN63   sing N N 139 
U   OP3   P      sing N N 140 
U   OP3   HOP3   sing N N 141 
U   P     OP1    doub N N 142 
U   P     OP2    sing N N 143 
U   P     "O5'"  sing N N 144 
U   OP2   HOP2   sing N N 145 
U   "O5'" "C5'"  sing N N 146 
U   "C5'" "C4'"  sing N N 147 
U   "C5'" "H5'"  sing N N 148 
U   "C5'" "H5''" sing N N 149 
U   "C4'" "O4'"  sing N N 150 
U   "C4'" "C3'"  sing N N 151 
U   "C4'" "H4'"  sing N N 152 
U   "O4'" "C1'"  sing N N 153 
U   "C3'" "O3'"  sing N N 154 
U   "C3'" "C2'"  sing N N 155 
U   "C3'" "H3'"  sing N N 156 
U   "O3'" "HO3'" sing N N 157 
U   "C2'" "O2'"  sing N N 158 
U   "C2'" "C1'"  sing N N 159 
U   "C2'" "H2'"  sing N N 160 
U   "O2'" "HO2'" sing N N 161 
U   "C1'" N1     sing N N 162 
U   "C1'" "H1'"  sing N N 163 
U   N1    C2     sing N N 164 
U   N1    C6     sing N N 165 
U   C2    O2     doub N N 166 
U   C2    N3     sing N N 167 
U   N3    C4     sing N N 168 
U   N3    H3     sing N N 169 
U   C4    O4     doub N N 170 
U   C4    C5     sing N N 171 
U   C5    C6     doub N N 172 
U   C5    H5     sing N N 173 
U   C6    H6     sing N N 174 
# 
loop_
_ndb_struct_conf_na.entry_id 
_ndb_struct_conf_na.feature 
2CD5 'double helix'         
2CD5 'a-form double helix'  
2CD5 tetraloop              
2CD5 'bulge loop'           
2CD5 'mismatched base pair' 
# 
loop_
_ndb_struct_na_base_pair.model_number 
_ndb_struct_na_base_pair.i_label_asym_id 
_ndb_struct_na_base_pair.i_label_comp_id 
_ndb_struct_na_base_pair.i_label_seq_id 
_ndb_struct_na_base_pair.i_symmetry 
_ndb_struct_na_base_pair.j_label_asym_id 
_ndb_struct_na_base_pair.j_label_comp_id 
_ndb_struct_na_base_pair.j_label_seq_id 
_ndb_struct_na_base_pair.j_symmetry 
_ndb_struct_na_base_pair.shear 
_ndb_struct_na_base_pair.stretch 
_ndb_struct_na_base_pair.stagger 
_ndb_struct_na_base_pair.buckle 
_ndb_struct_na_base_pair.propeller 
_ndb_struct_na_base_pair.opening 
_ndb_struct_na_base_pair.pair_number 
_ndb_struct_na_base_pair.pair_name 
_ndb_struct_na_base_pair.i_auth_asym_id 
_ndb_struct_na_base_pair.i_auth_seq_id 
_ndb_struct_na_base_pair.i_PDB_ins_code 
_ndb_struct_na_base_pair.j_auth_asym_id 
_ndb_struct_na_base_pair.j_auth_seq_id 
_ndb_struct_na_base_pair.j_PDB_ins_code 
_ndb_struct_na_base_pair.hbond_type_28 
_ndb_struct_na_base_pair.hbond_type_12 
1 A G 1  1_555 A C 27 1_555 -0.303 -0.373 -0.289 53.566  26.349  -9.207  1  A_G1:C27_A  A 1  ? A 27 ? 19 1 
1 A G 2  1_555 A C 26 1_555 -0.172 -0.355 0.962  11.550  -7.026  -8.606  2  A_G2:C26_A  A 2  ? A 26 ? 19 1 
1 A A 3  1_555 A U 25 1_555 0.101  -0.129 -0.192 9.352   -23.668 -4.788  3  A_A3:U25_A  A 3  ? A 25 ? 20 1 
1 A A 4  1_555 A U 24 1_555 -0.132 -0.040 -0.146 -0.672  -15.242 -3.437  4  A_A4:U24_A  A 4  ? A 24 ? 20 1 
1 A G 5  1_555 A C 23 1_555 -0.235 -0.263 -0.438 -4.388  -8.914  -4.548  5  A_G5:C23_A  A 5  ? A 23 ? 19 1 
1 A C 7  1_555 A G 22 1_555 0.071  -0.001 -0.167 -11.347 16.519  -2.524  6  A_C7:G22_A  A 7  ? A 22 ? 19 1 
1 A C 8  1_555 A G 21 1_555 0.037  -0.301 0.309  3.803   -2.320  -6.257  7  A_C8:G21_A  A 8  ? A 21 ? 19 1 
1 A G 9  1_555 A C 20 1_555 0.027  -0.489 -1.289 -7.525  0.508   -5.298  8  A_G9:C20_A  A 9  ? A 20 ? 19 1 
1 A G 10 1_555 A C 19 1_555 -0.427 -0.464 -1.088 -9.855  -23.562 7.312   9  A_G10:C19_A A 10 ? A 19 ? 19 1 
1 A U 11 1_555 A A 18 1_555 -0.256 -0.013 -0.653 2.669   -2.252  -3.538  10 A_U11:A18_A A 11 ? A 18 ? 20 1 
1 A C 12 1_555 A G 17 1_555 0.200  -0.599 1.907  -30.087 15.687  -4.425  11 A_C12:G17_A A 12 ? A 17 ? 19 1 
1 A U 13 1_555 A G 16 1_555 1.255  -5.454 0.286  36.878  8.771   -64.121 12 A_U13:G16_A A 13 ? A 16 ? ?  6 
# 
loop_
_ndb_struct_na_base_pair_step.model_number 
_ndb_struct_na_base_pair_step.i_label_asym_id_1 
_ndb_struct_na_base_pair_step.i_label_comp_id_1 
_ndb_struct_na_base_pair_step.i_label_seq_id_1 
_ndb_struct_na_base_pair_step.i_symmetry_1 
_ndb_struct_na_base_pair_step.j_label_asym_id_1 
_ndb_struct_na_base_pair_step.j_label_comp_id_1 
_ndb_struct_na_base_pair_step.j_label_seq_id_1 
_ndb_struct_na_base_pair_step.j_symmetry_1 
_ndb_struct_na_base_pair_step.i_label_asym_id_2 
_ndb_struct_na_base_pair_step.i_label_comp_id_2 
_ndb_struct_na_base_pair_step.i_label_seq_id_2 
_ndb_struct_na_base_pair_step.i_symmetry_2 
_ndb_struct_na_base_pair_step.j_label_asym_id_2 
_ndb_struct_na_base_pair_step.j_label_comp_id_2 
_ndb_struct_na_base_pair_step.j_label_seq_id_2 
_ndb_struct_na_base_pair_step.j_symmetry_2 
_ndb_struct_na_base_pair_step.shift 
_ndb_struct_na_base_pair_step.slide 
_ndb_struct_na_base_pair_step.rise 
_ndb_struct_na_base_pair_step.tilt 
_ndb_struct_na_base_pair_step.roll 
_ndb_struct_na_base_pair_step.twist 
_ndb_struct_na_base_pair_step.x_displacement 
_ndb_struct_na_base_pair_step.y_displacement 
_ndb_struct_na_base_pair_step.helical_rise 
_ndb_struct_na_base_pair_step.inclination 
_ndb_struct_na_base_pair_step.tip 
_ndb_struct_na_base_pair_step.helical_twist 
_ndb_struct_na_base_pair_step.step_number 
_ndb_struct_na_base_pair_step.step_name 
_ndb_struct_na_base_pair_step.i_auth_asym_id_1 
_ndb_struct_na_base_pair_step.i_auth_seq_id_1 
_ndb_struct_na_base_pair_step.i_PDB_ins_code_1 
_ndb_struct_na_base_pair_step.j_auth_asym_id_1 
_ndb_struct_na_base_pair_step.j_auth_seq_id_1 
_ndb_struct_na_base_pair_step.j_PDB_ins_code_1 
_ndb_struct_na_base_pair_step.i_auth_asym_id_2 
_ndb_struct_na_base_pair_step.i_auth_seq_id_2 
_ndb_struct_na_base_pair_step.i_PDB_ins_code_2 
_ndb_struct_na_base_pair_step.j_auth_asym_id_2 
_ndb_struct_na_base_pair_step.j_auth_seq_id_2 
_ndb_struct_na_base_pair_step.j_PDB_ins_code_2 
1 A G 1  1_555 A C 27 1_555 A G 2  1_555 A C 26 1_555 -0.976 -1.152 5.796 -6.190  27.014  23.309 -8.280 0.106  3.097 49.404  
11.321  36.066 1  AA_G1G2:C26C27_AA   A 1  ? A 27 ? A 2  ? A 26 ? 
1 A G 2  1_555 A C 26 1_555 A A 3  1_555 A U 25 1_555 0.065  -1.330 3.571 6.578   12.809  34.973 -3.760 0.774  2.892 20.284  
-10.416 37.736 2  AA_G2A3:U25C26_AA   A 2  ? A 26 ? A 3  ? A 25 ? 
1 A A 3  1_555 A U 25 1_555 A A 4  1_555 A U 24 1_555 0.887  -1.139 4.407 -0.937  -11.956 32.196 0.712  -1.711 4.507 -20.685 1.620 
34.302 3  AA_A3A4:U24U25_AA   A 3  ? A 25 ? A 4  ? A 24 ? 
1 A A 4  1_555 A U 24 1_555 A G 5  1_555 A C 23 1_555 -0.351 -1.623 3.678 0.351   10.931  30.626 -4.901 0.691  2.937 19.915  
-0.639  32.476 4  AA_A4G5:C23U24_AA   A 4  ? A 24 ? A 5  ? A 23 ? 
1 A G 5  1_555 A C 23 1_555 A C 7  1_555 A G 22 1_555 -2.166 -0.529 3.228 -9.526  33.628  52.802 -2.067 1.643  2.804 33.963  9.621 
62.621 5  AA_G5C7:G22C23_AA   A 5  ? A 23 ? A 7  ? A 22 ? 
1 A C 7  1_555 A G 22 1_555 A C 8  1_555 A G 21 1_555 -0.808 -0.932 3.333 -0.663  9.654   34.092 -2.932 1.233  2.982 16.069  1.103 
35.400 6  AA_C7C8:G21G22_AA   A 7  ? A 22 ? A 8  ? A 21 ? 
1 A C 8  1_555 A G 21 1_555 A G 9  1_555 A C 20 1_555 -0.064 -1.205 4.831 7.287   0.005   25.948 -2.589 2.889  4.640 0.010   
-15.835 26.935 7  AA_C8G9:C20G21_AA   A 8  ? A 21 ? A 9  ? A 20 ? 
1 A G 9  1_555 A C 20 1_555 A G 10 1_555 A C 19 1_555 0.994  -1.112 3.743 2.056   13.964  30.057 -4.501 -1.366 3.006 25.249  
-3.718  33.136 8  AA_G9G10:C19C20_AA  A 9  ? A 20 ? A 10 ? A 19 ? 
1 A G 10 1_555 A C 19 1_555 A U 11 1_555 A A 18 1_555 -0.725 -1.020 2.978 -5.412  15.212  30.579 -3.757 0.499  2.321 26.640  9.477 
34.490 9  AA_G10U11:A18C19_AA A 10 ? A 19 ? A 11 ? A 18 ? 
1 A U 11 1_555 A A 18 1_555 A C 12 1_555 A G 17 1_555 -0.457 -2.213 4.261 -18.364 22.133  29.427 -5.963 -1.667 2.126 34.839  
28.906  40.923 10 AA_U11C12:G17A18_AA A 11 ? A 18 ? A 12 ? A 17 ? 
1 A C 12 1_555 A G 17 1_555 A U 13 1_555 A G 16 1_555 2.083  -2.050 2.582 -24.209 -0.249  97.068 -1.342 -1.652 2.163 -0.164  
15.971  99.301 11 AA_C12U13:G16G17_AA A 12 ? A 17 ? A 13 ? A 16 ? 
# 
_pdbx_nmr_spectrometer.spectrometer_id   1 
_pdbx_nmr_spectrometer.model             DMX 
_pdbx_nmr_spectrometer.manufacturer      Bruker 
_pdbx_nmr_spectrometer.field_strength    600 
# 
_atom_sites.entry_id                    2CD5 
_atom_sites.fract_transf_matrix[1][1]   1.000000 
_atom_sites.fract_transf_matrix[1][2]   0.000000 
_atom_sites.fract_transf_matrix[1][3]   0.000000 
_atom_sites.fract_transf_matrix[2][1]   0.000000 
_atom_sites.fract_transf_matrix[2][2]   1.000000 
_atom_sites.fract_transf_matrix[2][3]   0.000000 
_atom_sites.fract_transf_matrix[3][1]   0.000000 
_atom_sites.fract_transf_matrix[3][2]   0.000000 
_atom_sites.fract_transf_matrix[3][3]   1.000000 
_atom_sites.fract_transf_vector[1]      0.00000 
_atom_sites.fract_transf_vector[2]      0.00000 
_atom_sites.fract_transf_vector[3]      0.00000 
# 
loop_
_atom_type.symbol 
C  
CO 
H  
N  
O  
P  
# 
loop_
_atom_site.group_PDB 
_atom_site.id 
_atom_site.type_symbol 
_atom_site.label_atom_id 
_atom_site.label_alt_id 
_atom_site.label_comp_id 
_atom_site.label_asym_id 
_atom_site.label_entity_id 
_atom_site.label_seq_id 
_atom_site.pdbx_PDB_ins_code 
_atom_site.Cartn_x 
_atom_site.Cartn_y 
_atom_site.Cartn_z 
_atom_site.occupancy 
_atom_site.B_iso_or_equiv 
_atom_site.pdbx_formal_charge 
_atom_site.auth_seq_id 
_atom_site.auth_comp_id 
_atom_site.auth_asym_id 
_atom_site.auth_atom_id 
_atom_site.pdbx_PDB_model_num 
ATOM   1   O  "O5'"  . G   A 1 1  ? -18.600 5.518   8.634   1.00 0.00 ? 1    G   A "O5'"  1 
ATOM   2   C  "C5'"  . G   A 1 1  ? -19.204 4.507   7.823   1.00 0.00 ? 1    G   A "C5'"  1 
ATOM   3   C  "C4'"  . G   A 1 1  ? -18.541 4.416   6.453   1.00 0.00 ? 1    G   A "C4'"  1 
ATOM   4   O  "O4'"  . G   A 1 1  ? -18.679 5.669   5.782   1.00 0.00 ? 1    G   A "O4'"  1 
ATOM   5   C  "C3'"  . G   A 1 1  ? -17.043 4.174   6.489   1.00 0.00 ? 1    G   A "C3'"  1 
ATOM   6   O  "O3'"  . G   A 1 1  ? -16.850 2.761   6.368   1.00 0.00 ? 1    G   A "O3'"  1 
ATOM   7   C  "C2'"  . G   A 1 1  ? -16.542 4.804   5.200   1.00 0.00 ? 1    G   A "C2'"  1 
ATOM   8   O  "O2'"  . G   A 1 1  ? -16.587 3.859   4.131   1.00 0.00 ? 1    G   A "O2'"  1 
ATOM   9   C  "C1'"  . G   A 1 1  ? -17.537 5.936   4.952   1.00 0.00 ? 1    G   A "C1'"  1 
ATOM   10  N  N9     . G   A 1 1  ? -16.986 7.254   5.321   1.00 0.00 ? 1    G   A N9     1 
ATOM   11  C  C8     . G   A 1 1  ? -16.123 7.566   6.339   1.00 0.00 ? 1    G   A C8     1 
ATOM   12  N  N7     . G   A 1 1  ? -15.818 8.832   6.399   1.00 0.00 ? 1    G   A N7     1 
ATOM   13  C  C5     . G   A 1 1  ? -16.527 9.398   5.346   1.00 0.00 ? 1    G   A C5     1 
ATOM   14  C  C6     . G   A 1 1  ? -16.590 10.752  4.914   1.00 0.00 ? 1    G   A C6     1 
ATOM   15  O  O6     . G   A 1 1  ? -16.022 11.731  5.392   1.00 0.00 ? 1    G   A O6     1 
ATOM   16  N  N1     . G   A 1 1  ? -17.420 10.899  3.815   1.00 0.00 ? 1    G   A N1     1 
ATOM   17  C  C2     . G   A 1 1  ? -18.109 9.874   3.203   1.00 0.00 ? 1    G   A C2     1 
ATOM   18  N  N2     . G   A 1 1  ? -18.867 10.197  2.156   1.00 0.00 ? 1    G   A N2     1 
ATOM   19  N  N3     . G   A 1 1  ? -18.059 8.601   3.601   1.00 0.00 ? 1    G   A N3     1 
ATOM   20  C  C4     . G   A 1 1  ? -17.249 8.440   4.677   1.00 0.00 ? 1    G   A C4     1 
ATOM   21  H  "H5'"  . G   A 1 1  ? -20.260 4.741   7.693   1.00 0.00 ? 1    G   A "H5'"  1 
ATOM   22  H  "H5''" . G   A 1 1  ? -19.111 3.545   8.327   1.00 0.00 ? 1    G   A "H5''" 1 
ATOM   23  H  "H4'"  . G   A 1 1  ? -19.040 3.644   5.868   1.00 0.00 ? 1    G   A "H4'"  1 
ATOM   24  H  "H3'"  . G   A 1 1  ? -16.556 4.572   7.376   1.00 0.00 ? 1    G   A "H3'"  1 
ATOM   25  H  "H2'"  . G   A 1 1  ? -15.539 5.201   5.332   1.00 0.00 ? 1    G   A "H2'"  1 
ATOM   26  H  "HO2'" . G   A 1 1  ? -17.482 3.864   3.782   1.00 0.00 ? 1    G   A "HO2'" 1 
ATOM   27  H  "H1'"  . G   A 1 1  ? -17.845 5.955   3.907   1.00 0.00 ? 1    G   A "H1'"  1 
ATOM   28  H  H8     . G   A 1 1  ? -15.725 6.824   7.033   1.00 0.00 ? 1    G   A H8     1 
ATOM   29  H  H1     . G   A 1 1  ? -17.517 11.829  3.432   1.00 0.00 ? 1    G   A H1     1 
ATOM   30  H  H21    . G   A 1 1  ? -18.928 11.159  1.853   1.00 0.00 ? 1    G   A H21    1 
ATOM   31  H  H22    . G   A 1 1  ? -19.382 9.481   1.664   1.00 0.00 ? 1    G   A H22    1 
ATOM   32  H  "HO5'" . G   A 1 1  ? -18.214 6.166   8.041   1.00 0.00 ? 1    G   A "HO5'" 1 
ATOM   33  P  P      . G   A 1 2  ? -15.367 2.135   6.307   1.00 0.00 ? 2    G   A P      1 
ATOM   34  O  OP1    . G   A 1 2  ? -15.425 0.753   6.835   1.00 0.00 ? 2    G   A OP1    1 
ATOM   35  O  OP2    . G   A 1 2  ? -14.428 3.113   6.899   1.00 0.00 ? 2    G   A OP2    1 
ATOM   36  O  "O5'"  . G   A 1 2  ? -15.082 2.058   4.723   1.00 0.00 ? 2    G   A "O5'"  1 
ATOM   37  C  "C5'"  . G   A 1 2  ? -15.535 0.938   3.955   1.00 0.00 ? 2    G   A "C5'"  1 
ATOM   38  C  "C4'"  . G   A 1 2  ? -15.531 1.246   2.460   1.00 0.00 ? 2    G   A "C4'"  1 
ATOM   39  O  "O4'"  . G   A 1 2  ? -15.998 2.584   2.260   1.00 0.00 ? 2    G   A "O4'"  1 
ATOM   40  C  "C3'"  . G   A 1 2  ? -14.157 1.224   1.811   1.00 0.00 ? 2    G   A "C3'"  1 
ATOM   41  O  "O3'"  . G   A 1 2  ? -13.979 -0.075  1.244   1.00 0.00 ? 2    G   A "O3'"  1 
ATOM   42  C  "C2'"  . G   A 1 2  ? -14.303 2.201   0.656   1.00 0.00 ? 2    G   A "C2'"  1 
ATOM   43  O  "O2'"  . G   A 1 2  ? -14.927 1.568   -0.463  1.00 0.00 ? 2    G   A "O2'"  1 
ATOM   44  C  "C1'"  . G   A 1 2  ? -15.225 3.258   1.257   1.00 0.00 ? 2    G   A "C1'"  1 
ATOM   45  N  N9     . G   A 1 2  ? -14.474 4.348   1.902   1.00 0.00 ? 2    G   A N9     1 
ATOM   46  C  C8     . G   A 1 2  ? -14.141 4.487   3.223   1.00 0.00 ? 2    G   A C8     1 
ATOM   47  N  N7     . G   A 1 2  ? -13.468 5.573   3.483   1.00 0.00 ? 2    G   A N7     1 
ATOM   48  C  C5     . G   A 1 2  ? -13.348 6.198   2.247   1.00 0.00 ? 2    G   A C5     1 
ATOM   49  C  C6     . G   A 1 2  ? -12.713 7.422   1.901   1.00 0.00 ? 2    G   A C6     1 
ATOM   50  O  O6     . G   A 1 2  ? -12.120 8.208   2.637   1.00 0.00 ? 2    G   A O6     1 
ATOM   51  N  N1     . G   A 1 2  ? -12.822 7.689   0.545   1.00 0.00 ? 2    G   A N1     1 
ATOM   52  C  C2     . G   A 1 2  ? -13.459 6.882   -0.369  1.00 0.00 ? 2    G   A C2     1 
ATOM   53  N  N2     . G   A 1 2  ? -13.463 7.292   -1.637  1.00 0.00 ? 2    G   A N2     1 
ATOM   54  N  N3     . G   A 1 2  ? -14.058 5.730   -0.056  1.00 0.00 ? 2    G   A N3     1 
ATOM   55  C  C4     . G   A 1 2  ? -13.962 5.454   1.268   1.00 0.00 ? 2    G   A C4     1 
ATOM   56  H  "H5'"  . G   A 1 2  ? -16.547 0.682   4.264   1.00 0.00 ? 2    G   A "H5'"  1 
ATOM   57  H  "H5''" . G   A 1 2  ? -14.878 0.088   4.146   1.00 0.00 ? 2    G   A "H5''" 1 
ATOM   58  H  "H4'"  . G   A 1 2  ? -16.204 0.555   1.954   1.00 0.00 ? 2    G   A "H4'"  1 
ATOM   59  H  "H3'"  . G   A 1 2  ? -13.350 1.483   2.497   1.00 0.00 ? 2    G   A "H3'"  1 
ATOM   60  H  "H2'"  . G   A 1 2  ? -13.342 2.632   0.382   1.00 0.00 ? 2    G   A "H2'"  1 
ATOM   61  H  "HO2'" . G   A 1 2  ? -15.619 2.156   -0.774  1.00 0.00 ? 2    G   A "HO2'" 1 
ATOM   62  H  "H1'"  . G   A 1 2  ? -15.892 3.676   0.505   1.00 0.00 ? 2    G   A "H1'"  1 
ATOM   63  H  H8     . G   A 1 2  ? -14.419 3.759   3.986   1.00 0.00 ? 2    G   A H8     1 
ATOM   64  H  H1     . G   A 1 2  ? -12.410 8.548   0.211   1.00 0.00 ? 2    G   A H1     1 
ATOM   65  H  H21    . G   A 1 2  ? -13.026 8.167   -1.886  1.00 0.00 ? 2    G   A H21    1 
ATOM   66  H  H22    . G   A 1 2  ? -13.903 6.727   -2.349  1.00 0.00 ? 2    G   A H22    1 
ATOM   67  P  P      . A   A 1 3  ? -12.503 -0.698  1.082   1.00 0.00 ? 3    A   A P      1 
ATOM   68  O  OP1    . A   A 1 3  ? -12.634 -2.054  0.503   1.00 0.00 ? 3    A   A OP1    1 
ATOM   69  O  OP2    . A   A 1 3  ? -11.778 -0.507  2.358   1.00 0.00 ? 3    A   A OP2    1 
ATOM   70  O  "O5'"  . A   A 1 3  ? -11.836 0.261   -0.026  1.00 0.00 ? 3    A   A "O5'"  1 
ATOM   71  C  "C5'"  . A   A 1 3  ? -12.186 0.123   -1.405  1.00 0.00 ? 3    A   A "C5'"  1 
ATOM   72  C  "C4'"  . A   A 1 3  ? -11.485 1.164   -2.270  1.00 0.00 ? 3    A   A "C4'"  1 
ATOM   73  O  "O4'"  . A   A 1 3  ? -11.920 2.473   -1.889  1.00 0.00 ? 3    A   A "O4'"  1 
ATOM   74  C  "C3'"  . A   A 1 3  ? -9.980  1.226   -2.107  1.00 0.00 ? 3    A   A "C3'"  1 
ATOM   75  O  "O3'"  . A   A 1 3  ? -9.411  0.324   -3.059  1.00 0.00 ? 3    A   A "O3'"  1 
ATOM   76  C  "C2'"  . A   A 1 3  ? -9.654  2.636   -2.569  1.00 0.00 ? 3    A   A "C2'"  1 
ATOM   77  O  "O2'"  . A   A 1 3  ? -9.604  2.698   -3.997  1.00 0.00 ? 3    A   A "O2'"  1 
ATOM   78  C  "C1'"  . A   A 1 3  ? -10.851 3.425   -2.039  1.00 0.00 ? 3    A   A "C1'"  1 
ATOM   79  N  N9     . A   A 1 3  ? -10.576 4.043   -0.728  1.00 0.00 ? 3    A   A N9     1 
ATOM   80  C  C8     . A   A 1 3  ? -10.696 3.493   0.524   1.00 0.00 ? 3    A   A C8     1 
ATOM   81  N  N7     . A   A 1 3  ? -10.366 4.308   1.487   1.00 0.00 ? 3    A   A N7     1 
ATOM   82  C  C5     . A   A 1 3  ? -10.004 5.477   0.825   1.00 0.00 ? 3    A   A C5     1 
ATOM   83  C  C6     . A   A 1 3  ? -9.554  6.727   1.278   1.00 0.00 ? 3    A   A C6     1 
ATOM   84  N  N6     . A   A 1 3  ? -9.379  7.025   2.565   1.00 0.00 ? 3    A   A N6     1 
ATOM   85  N  N1     . A   A 1 3  ? -9.284  7.666   0.357   1.00 0.00 ? 3    A   A N1     1 
ATOM   86  C  C2     . A   A 1 3  ? -9.452  7.376   -0.928  1.00 0.00 ? 3    A   A C2     1 
ATOM   87  N  N3     . A   A 1 3  ? -9.867  6.246   -1.479  1.00 0.00 ? 3    A   A N3     1 
ATOM   88  C  C4     . A   A 1 3  ? -10.128 5.327   -0.527  1.00 0.00 ? 3    A   A C4     1 
ATOM   89  H  "H5'"  . A   A 1 3  ? -13.264 0.238   -1.512  1.00 0.00 ? 3    A   A "H5'"  1 
ATOM   90  H  "H5''" . A   A 1 3  ? -11.899 -0.872  -1.745  1.00 0.00 ? 3    A   A "H5''" 1 
ATOM   91  H  "H4'"  . A   A 1 3  ? -11.750 0.993   -3.313  1.00 0.00 ? 3    A   A "H4'"  1 
ATOM   92  H  "H3'"  . A   A 1 3  ? -9.643  1.012   -1.092  1.00 0.00 ? 3    A   A "H3'"  1 
ATOM   93  H  "H2'"  . A   A 1 3  ? -8.726  2.991   -2.126  1.00 0.00 ? 3    A   A "H2'"  1 
ATOM   94  H  "HO2'" . A   A 1 3  ? -10.398 3.152   -4.291  1.00 0.00 ? 3    A   A "HO2'" 1 
ATOM   95  H  "H1'"  . A   A 1 3  ? -11.150 4.197   -2.746  1.00 0.00 ? 3    A   A "H1'"  1 
ATOM   96  H  H8     . A   A 1 3  ? -11.031 2.470   0.696   1.00 0.00 ? 3    A   A H8     1 
ATOM   97  H  H61    . A   A 1 3  ? -8.984  7.917   2.827   1.00 0.00 ? 3    A   A H61    1 
ATOM   98  H  H62    . A   A 1 3  ? -9.643  6.361   3.278   1.00 0.00 ? 3    A   A H62    1 
ATOM   99  H  H2     . A   A 1 3  ? -9.215  8.180   -1.625  1.00 0.00 ? 3    A   A H2     1 
ATOM   100 P  P      . A   A 1 4  ? -7.903  -0.206  -2.875  1.00 0.00 ? 4    A   A P      1 
ATOM   101 O  OP1    . A   A 1 4  ? -7.626  -1.197  -3.940  1.00 0.00 ? 4    A   A OP1    1 
ATOM   102 O  OP2    . A   A 1 4  ? -7.712  -0.576  -1.455  1.00 0.00 ? 4    A   A OP2    1 
ATOM   103 O  "O5'"  . A   A 1 4  ? -7.029  1.113   -3.175  1.00 0.00 ? 4    A   A "O5'"  1 
ATOM   104 C  "C5'"  . A   A 1 4  ? -7.057  1.719   -4.470  1.00 0.00 ? 4    A   A "C5'"  1 
ATOM   105 C  "C4'"  . A   A 1 4  ? -6.583  3.169   -4.425  1.00 0.00 ? 4    A   A "C4'"  1 
ATOM   106 O  "O4'"  . A   A 1 4  ? -7.193  3.834   -3.319  1.00 0.00 ? 4    A   A "O4'"  1 
ATOM   107 C  "C3'"  . A   A 1 4  ? -5.098  3.348   -4.177  1.00 0.00 ? 4    A   A "C3'"  1 
ATOM   108 O  "O3'"  . A   A 1 4  ? -4.459  3.389   -5.456  1.00 0.00 ? 4    A   A "O3'"  1 
ATOM   109 C  "C2'"  . A   A 1 4  ? -5.012  4.749   -3.589  1.00 0.00 ? 4    A   A "C2'"  1 
ATOM   110 O  "O2'"  . A   A 1 4  ? -4.964  5.726   -4.632  1.00 0.00 ? 4    A   A "O2'"  1 
ATOM   111 C  "C1'"  . A   A 1 4  ? -6.328  4.862   -2.809  1.00 0.00 ? 4    A   A "C1'"  1 
ATOM   112 N  N9     . A   A 1 4  ? -6.141  4.644   -1.360  1.00 0.00 ? 4    A   A N9     1 
ATOM   113 C  C8     . A   A 1 4  ? -6.350  3.501   -0.632  1.00 0.00 ? 4    A   A C8     1 
ATOM   114 N  N7     . A   A 1 4  ? -6.098  3.637   0.640   1.00 0.00 ? 4    A   A N7     1 
ATOM   115 C  C5     . A   A 1 4  ? -5.694  4.962   0.761   1.00 0.00 ? 4    A   A C5     1 
ATOM   116 C  C6     . A   A 1 4  ? -5.286  5.736   1.859   1.00 0.00 ? 4    A   A C6     1 
ATOM   117 N  N6     . A   A 1 4  ? -5.215  5.269   3.105   1.00 0.00 ? 4    A   A N6     1 
ATOM   118 N  N1     . A   A 1 4  ? -4.952  7.015   1.631   1.00 0.00 ? 4    A   A N1     1 
ATOM   119 C  C2     . A   A 1 4  ? -5.021  7.491   0.394   1.00 0.00 ? 4    A   A C2     1 
ATOM   120 N  N3     . A   A 1 4  ? -5.387  6.871   -0.719  1.00 0.00 ? 4    A   A N3     1 
ATOM   121 C  C4     . A   A 1 4  ? -5.715  5.587   -0.453  1.00 0.00 ? 4    A   A C4     1 
ATOM   122 H  "H5'"  . A   A 1 4  ? -8.077  1.690   -4.853  1.00 0.00 ? 4    A   A "H5'"  1 
ATOM   123 H  "H5''" . A   A 1 4  ? -6.408  1.154   -5.140  1.00 0.00 ? 4    A   A "H5''" 1 
ATOM   124 H  "H4'"  . A   A 1 4  ? -6.882  3.666   -5.347  1.00 0.00 ? 4    A   A "H4'"  1 
ATOM   125 H  "H3'"  . A   A 1 4  ? -4.669  2.580   -3.533  1.00 0.00 ? 4    A   A "H3'"  1 
ATOM   126 H  "H2'"  . A   A 1 4  ? -4.155  4.841   -2.924  1.00 0.00 ? 4    A   A "H2'"  1 
ATOM   127 H  "HO2'" . A   A 1 4  ? -5.427  5.359   -5.389  1.00 0.00 ? 4    A   A "HO2'" 1 
ATOM   128 H  "H1'"  . A   A 1 4  ? -6.791  5.836   -2.969  1.00 0.00 ? 4    A   A "H1'"  1 
ATOM   129 H  H8     . A   A 1 4  ? -6.694  2.566   -1.074  1.00 0.00 ? 4    A   A H8     1 
ATOM   130 H  H61    . A   A 1 4  ? -4.936  5.881   3.860   1.00 0.00 ? 4    A   A H61    1 
ATOM   131 H  H62    . A   A 1 4  ? -5.441  4.303   3.296   1.00 0.00 ? 4    A   A H62    1 
ATOM   132 H  H2     . A   A 1 4  ? -4.736  8.536   0.279   1.00 0.00 ? 4    A   A H2     1 
ATOM   133 P  P      . G   A 1 5  ? -2.852  3.393   -5.567  1.00 0.00 ? 5    G   A P      1 
ATOM   134 O  OP1    . G   A 1 5  ? -2.486  3.183   -6.986  1.00 0.00 ? 5    G   A OP1    1 
ATOM   135 O  OP2    . G   A 1 5  ? -2.312  2.491   -4.525  1.00 0.00 ? 5    G   A OP2    1 
ATOM   136 O  "O5'"  . G   A 1 5  ? -2.477  4.907   -5.169  1.00 0.00 ? 5    G   A "O5'"  1 
ATOM   137 C  "C5'"  . G   A 1 5  ? -1.122  5.361   -5.221  1.00 0.00 ? 5    G   A "C5'"  1 
ATOM   138 C  "C4'"  . G   A 1 5  ? -0.952  6.689   -4.491  1.00 0.00 ? 5    G   A "C4'"  1 
ATOM   139 O  "O4'"  . G   A 1 5  ? -1.686  6.637   -3.260  1.00 0.00 ? 5    G   A "O4'"  1 
ATOM   140 C  "C3'"  . G   A 1 5  ? 0.490   7.021   -4.098  1.00 0.00 ? 5    G   A "C3'"  1 
ATOM   141 O  "O3'"  . G   A 1 5  ? 0.654   8.432   -4.267  1.00 0.00 ? 5    G   A "O3'"  1 
ATOM   142 C  "C2'"  . G   A 1 5  ? 0.554   6.743   -2.602  1.00 0.00 ? 5    G   A "C2'"  1 
ATOM   143 O  "O2'"  . G   A 1 5  ? 1.466   7.634   -1.960  1.00 0.00 ? 5    G   A "O2'"  1 
ATOM   144 C  "C1'"  . G   A 1 5  ? -0.866  7.050   -2.167  1.00 0.00 ? 5    G   A "C1'"  1 
ATOM   145 N  N9     . G   A 1 5  ? -1.254  6.291   -0.967  1.00 0.00 ? 5    G   A N9     1 
ATOM   146 C  C8     . G   A 1 5  ? -1.861  5.067   -0.890  1.00 0.00 ? 5    G   A C8     1 
ATOM   147 N  N7     . G   A 1 5  ? -2.058  4.655   0.331   1.00 0.00 ? 5    G   A N7     1 
ATOM   148 C  C5     . G   A 1 5  ? -1.543  5.679   1.118   1.00 0.00 ? 5    G   A C5     1 
ATOM   149 C  C6     . G   A 1 5  ? -1.474  5.796   2.533   1.00 0.00 ? 5    G   A C6     1 
ATOM   150 O  O6     . G   A 1 5  ? -1.869  5.002   3.384   1.00 0.00 ? 5    G   A O6     1 
ATOM   151 N  N1     . G   A 1 5  ? -0.877  6.986   2.919   1.00 0.00 ? 5    G   A N1     1 
ATOM   152 C  C2     . G   A 1 5  ? -0.406  7.949   2.055   1.00 0.00 ? 5    G   A C2     1 
ATOM   153 N  N2     . G   A 1 5  ? 0.140   9.036   2.600   1.00 0.00 ? 5    G   A N2     1 
ATOM   154 N  N3     . G   A 1 5  ? -0.468  7.849   0.725   1.00 0.00 ? 5    G   A N3     1 
ATOM   155 C  C4     . G   A 1 5  ? -1.047  6.689   0.331   1.00 0.00 ? 5    G   A C4     1 
ATOM   156 H  "H5'"  . G   A 1 5  ? -0.828  5.488   -6.262  1.00 0.00 ? 5    G   A "H5'"  1 
ATOM   157 H  "H5''" . G   A 1 5  ? -0.477  4.615   -4.757  1.00 0.00 ? 5    G   A "H5''" 1 
ATOM   158 H  "H4'"  . G   A 1 5  ? -1.366  7.484   -5.113  1.00 0.00 ? 5    G   A "H4'"  1 
ATOM   159 H  "H3'"  . G   A 1 5  ? 1.230   6.459   -4.669  1.00 0.00 ? 5    G   A "H3'"  1 
ATOM   160 H  "H2'"  . G   A 1 5  ? 0.811   5.702   -2.403  1.00 0.00 ? 5    G   A "H2'"  1 
ATOM   161 H  "HO2'" . G   A 1 5  ? 0.994   8.038   -1.228  1.00 0.00 ? 5    G   A "HO2'" 1 
ATOM   162 H  "H1'"  . G   A 1 5  ? -1.004  8.116   -1.987  1.00 0.00 ? 5    G   A "H1'"  1 
ATOM   163 H  H8     . G   A 1 5  ? -2.142  4.489   -1.769  1.00 0.00 ? 5    G   A H8     1 
ATOM   164 H  H1     . G   A 1 5  ? -0.760  7.140   3.909   1.00 0.00 ? 5    G   A H1     1 
ATOM   165 H  H21    . G   A 1 5  ? 0.182   9.131   3.605   1.00 0.00 ? 5    G   A H21    1 
ATOM   166 H  H22    . G   A 1 5  ? 0.513   9.764   2.008   1.00 0.00 ? 5    G   A H22    1 
ATOM   167 P  P      . U   A 1 6  ? 0.983   9.048   -5.718  1.00 0.00 ? 6    U   A P      1 
ATOM   168 O  OP1    . U   A 1 6  ? 0.527   10.456  -5.738  1.00 0.00 ? 6    U   A OP1    1 
ATOM   169 O  OP2    . U   A 1 6  ? 0.499   8.099   -6.745  1.00 0.00 ? 6    U   A OP2    1 
ATOM   170 O  "O5'"  . U   A 1 6  ? 2.593   9.040   -5.742  1.00 0.00 ? 6    U   A "O5'"  1 
ATOM   171 C  "C5'"  . U   A 1 6  ? 3.328   10.263  -5.647  1.00 0.00 ? 6    U   A "C5'"  1 
ATOM   172 C  "C4'"  . U   A 1 6  ? 3.553   10.668  -4.189  1.00 0.00 ? 6    U   A "C4'"  1 
ATOM   173 O  "O4'"  . U   A 1 6  ? 2.521   11.550  -3.779  1.00 0.00 ? 6    U   A "O4'"  1 
ATOM   174 C  "C3'"  . U   A 1 6  ? 3.467   9.522   -3.186  1.00 0.00 ? 6    U   A "C3'"  1 
ATOM   175 O  "O3'"  . U   A 1 6  ? 4.810   9.189   -2.829  1.00 0.00 ? 6    U   A "O3'"  1 
ATOM   176 C  "C2'"  . U   A 1 6  ? 2.814   10.128  -1.935  1.00 0.00 ? 6    U   A "C2'"  1 
ATOM   177 O  "O2'"  . U   A 1 6  ? 3.745   10.162  -0.853  1.00 0.00 ? 6    U   A "O2'"  1 
ATOM   178 C  "C1'"  . U   A 1 6  ? 2.460   11.548  -2.356  1.00 0.00 ? 6    U   A "C1'"  1 
ATOM   179 N  N1     . U   A 1 6  ? 1.095   11.928  -1.932  1.00 0.00 ? 6    U   A N1     1 
ATOM   180 C  C2     . U   A 1 6  ? 0.929   12.414  -0.645  1.00 0.00 ? 6    U   A C2     1 
ATOM   181 O  O2     . U   A 1 6  ? 1.867   12.539  0.139   1.00 0.00 ? 6    U   A O2     1 
ATOM   182 N  N3     . U   A 1 6  ? -0.362  12.750  -0.288  1.00 0.00 ? 6    U   A N3     1 
ATOM   183 C  C4     . U   A 1 6  ? -1.481  12.645  -1.091  1.00 0.00 ? 6    U   A C4     1 
ATOM   184 O  O4     . U   A 1 6  ? -2.582  12.978  -0.657  1.00 0.00 ? 6    U   A O4     1 
ATOM   185 C  C5     . U   A 1 6  ? -1.226  12.128  -2.417  1.00 0.00 ? 6    U   A C5     1 
ATOM   186 C  C6     . U   A 1 6  ? 0.035   11.793  -2.786  1.00 0.00 ? 6    U   A C6     1 
ATOM   187 H  "H5'"  . U   A 1 6  ? 2.773   11.053  -6.152  1.00 0.00 ? 6    U   A "H5'"  1 
ATOM   188 H  "H5''" . U   A 1 6  ? 4.293   10.135  -6.140  1.00 0.00 ? 6    U   A "H5''" 1 
ATOM   189 H  "H4'"  . U   A 1 6  ? 4.511   11.182  -4.101  1.00 0.00 ? 6    U   A "H4'"  1 
ATOM   190 H  "H3'"  . U   A 1 6  ? 2.931   8.655   -3.571  1.00 0.00 ? 6    U   A "H3'"  1 
ATOM   191 H  "H2'"  . U   A 1 6  ? 1.914   9.579   -1.664  1.00 0.00 ? 6    U   A "H2'"  1 
ATOM   192 H  "HO2'" . U   A 1 6  ? 3.237   10.150  -0.038  1.00 0.00 ? 6    U   A "HO2'" 1 
ATOM   193 H  "H1'"  . U   A 1 6  ? 3.183   12.257  -1.961  1.00 0.00 ? 6    U   A "H1'"  1 
ATOM   194 H  H3     . U   A 1 6  ? -0.500  13.103  0.648   1.00 0.00 ? 6    U   A H3     1 
ATOM   195 H  H5     . U   A 1 6  ? -2.048  12.012  -3.124  1.00 0.00 ? 6    U   A H5     1 
ATOM   196 H  H6     . U   A 1 6  ? 0.211   11.393  -3.784  1.00 0.00 ? 6    U   A H6     1 
ATOM   197 P  P      . C   A 1 7  ? 5.519   7.887   -3.452  1.00 0.00 ? 7    C   A P      1 
ATOM   198 O  OP1    . C   A 1 7  ? 5.412   7.961   -4.926  1.00 0.00 ? 7    C   A OP1    1 
ATOM   199 O  OP2    . C   A 1 7  ? 5.012   6.696   -2.733  1.00 0.00 ? 7    C   A OP2    1 
ATOM   200 O  "O5'"  . C   A 1 7  ? 7.064   8.103   -3.043  1.00 0.00 ? 7    C   A "O5'"  1 
ATOM   201 C  "C5'"  . C   A 1 7  ? 7.488   9.302   -2.379  1.00 0.00 ? 7    C   A "C5'"  1 
ATOM   202 C  "C4'"  . C   A 1 7  ? 7.860   9.036   -0.918  1.00 0.00 ? 7    C   A "C4'"  1 
ATOM   203 O  "O4'"  . C   A 1 7  ? 6.750   9.372   -0.085  1.00 0.00 ? 7    C   A "O4'"  1 
ATOM   204 C  "C3'"  . C   A 1 7  ? 8.132   7.584   -0.578  1.00 0.00 ? 7    C   A "C3'"  1 
ATOM   205 O  "O3'"  . C   A 1 7  ? 9.536   7.354   -0.742  1.00 0.00 ? 7    C   A "O3'"  1 
ATOM   206 C  "C2'"  . C   A 1 7  ? 7.846   7.514   0.915   1.00 0.00 ? 7    C   A "C2'"  1 
ATOM   207 O  "O2'"  . C   A 1 7  ? 8.999   7.897   1.668   1.00 0.00 ? 7    C   A "O2'"  1 
ATOM   208 C  "C1'"  . C   A 1 7  ? 6.731   8.543   1.092   1.00 0.00 ? 7    C   A "C1'"  1 
ATOM   209 N  N1     . C   A 1 7  ? 5.403   7.904   1.215   1.00 0.00 ? 7    C   A N1     1 
ATOM   210 C  C2     . C   A 1 7  ? 5.103   7.285   2.419   1.00 0.00 ? 7    C   A C2     1 
ATOM   211 O  O2     . C   A 1 7  ? 5.925   7.279   3.333   1.00 0.00 ? 7    C   A O2     1 
ATOM   212 N  N3     . C   A 1 7  ? 3.887   6.690   2.564   1.00 0.00 ? 7    C   A N3     1 
ATOM   213 C  C4     . C   A 1 7  ? 2.997   6.702   1.564   1.00 0.00 ? 7    C   A C4     1 
ATOM   214 N  N4     . C   A 1 7  ? 1.825   6.096   1.769   1.00 0.00 ? 7    C   A N4     1 
ATOM   215 C  C5     . C   A 1 7  ? 3.298   7.343   0.318   1.00 0.00 ? 7    C   A C5     1 
ATOM   216 C  C6     . C   A 1 7  ? 4.503   7.922   0.188   1.00 0.00 ? 7    C   A C6     1 
ATOM   217 H  "H5'"  . C   A 1 7  ? 6.682   10.035  -2.410  1.00 0.00 ? 7    C   A "H5'"  1 
ATOM   218 H  "H5''" . C   A 1 7  ? 8.353   9.707   -2.905  1.00 0.00 ? 7    C   A "H5''" 1 
ATOM   219 H  "H4'"  . C   A 1 7  ? 8.712   9.662   -0.640  1.00 0.00 ? 7    C   A "H4'"  1 
ATOM   220 H  "H3'"  . C   A 1 7  ? 7.536   6.884   -1.165  1.00 0.00 ? 7    C   A "H3'"  1 
ATOM   221 H  "H2'"  . C   A 1 7  ? 7.505   6.521   1.199   1.00 0.00 ? 7    C   A "H2'"  1 
ATOM   222 H  "HO2'" . C   A 1 7  ? 8.733   7.944   2.589   1.00 0.00 ? 7    C   A "HO2'" 1 
ATOM   223 H  "H1'"  . C   A 1 7  ? 6.914   9.165   1.969   1.00 0.00 ? 7    C   A "H1'"  1 
ATOM   224 H  H41    . C   A 1 7  ? 1.664   5.580   2.626   1.00 0.00 ? 7    C   A H41    1 
ATOM   225 H  H42    . C   A 1 7  ? 1.101   6.147   1.066   1.00 0.00 ? 7    C   A H42    1 
ATOM   226 H  H5     . C   A 1 7  ? 2.575   7.386   -0.496  1.00 0.00 ? 7    C   A H5     1 
ATOM   227 H  H6     . C   A 1 7  ? 4.766   8.405   -0.754  1.00 0.00 ? 7    C   A H6     1 
ATOM   228 P  P      . C   A 1 8  ? 10.111  5.849   -0.794  1.00 0.00 ? 8    C   A P      1 
ATOM   229 O  OP1    . C   A 1 8  ? 11.484  5.892   -1.343  1.00 0.00 ? 8    C   A OP1    1 
ATOM   230 O  OP2    . C   A 1 8  ? 9.090   4.987   -1.431  1.00 0.00 ? 8    C   A OP2    1 
ATOM   231 O  "O5'"  . C   A 1 8  ? 10.205  5.445   0.764   1.00 0.00 ? 8    C   A "O5'"  1 
ATOM   232 C  "C5'"  . C   A 1 8  ? 11.459  5.483   1.453   1.00 0.00 ? 8    C   A "C5'"  1 
ATOM   233 C  "C4'"  . C   A 1 8  ? 11.384  4.783   2.809   1.00 0.00 ? 8    C   A "C4'"  1 
ATOM   234 O  "O4'"  . C   A 1 8  ? 10.208  5.220   3.503   1.00 0.00 ? 8    C   A "O4'"  1 
ATOM   235 C  "C3'"  . C   A 1 8  ? 11.233  3.273   2.747   1.00 0.00 ? 8    C   A "C3'"  1 
ATOM   236 O  "O3'"  . C   A 1 8  ? 12.544  2.709   2.792   1.00 0.00 ? 8    C   A "O3'"  1 
ATOM   237 C  "C2'"  . C   A 1 8  ? 10.559  2.950   4.070   1.00 0.00 ? 8    C   A "C2'"  1 
ATOM   238 O  "O2'"  . C   A 1 8  ? 11.514  2.935   5.134   1.00 0.00 ? 8    C   A "O2'"  1 
ATOM   239 C  "C1'"  . C   A 1 8  ? 9.602   4.128   4.219   1.00 0.00 ? 8    C   A "C1'"  1 
ATOM   240 N  N1     . C   A 1 8  ? 8.280   3.846   3.614   1.00 0.00 ? 8    C   A N1     1 
ATOM   241 C  C2     . C   A 1 8  ? 7.320   3.228   4.404   1.00 0.00 ? 8    C   A C2     1 
ATOM   242 O  O2     . C   A 1 8  ? 7.571   2.941   5.572   1.00 0.00 ? 8    C   A O2     1 
ATOM   243 N  N3     . C   A 1 8  ? 6.104   2.951   3.856   1.00 0.00 ? 8    C   A N3     1 
ATOM   244 C  C4     . C   A 1 8  ? 5.842   3.269   2.581   1.00 0.00 ? 8    C   A C4     1 
ATOM   245 N  N4     . C   A 1 8  ? 4.636   2.968   2.099   1.00 0.00 ? 8    C   A N4     1 
ATOM   246 C  C5     . C   A 1 8  ? 6.826   3.906   1.763   1.00 0.00 ? 8    C   A C5     1 
ATOM   247 C  C6     . C   A 1 8  ? 8.023   4.173   2.317   1.00 0.00 ? 8    C   A C6     1 
ATOM   248 H  "H5'"  . C   A 1 8  ? 11.748  6.522   1.606   1.00 0.00 ? 8    C   A "H5'"  1 
ATOM   249 H  "H5''" . C   A 1 8  ? 12.215  4.991   0.841   1.00 0.00 ? 8    C   A "H5''" 1 
ATOM   250 H  "H4'"  . C   A 1 8  ? 12.262  5.055   3.396   1.00 0.00 ? 8    C   A "H4'"  1 
ATOM   251 H  "H3'"  . C   A 1 8  ? 10.671  2.928   1.879   1.00 0.00 ? 8    C   A "H3'"  1 
ATOM   252 H  "H2'"  . C   A 1 8  ? 10.015  2.008   4.014   1.00 0.00 ? 8    C   A "H2'"  1 
ATOM   253 H  "HO2'" . C   A 1 8  ? 11.636  3.843   5.421   1.00 0.00 ? 8    C   A "HO2'" 1 
ATOM   254 H  "H1'"  . C   A 1 8  ? 9.482   4.405   5.267   1.00 0.00 ? 8    C   A "H1'"  1 
ATOM   255 H  H41    . C   A 1 8  ? 3.982   2.449   2.665   1.00 0.00 ? 8    C   A H41    1 
ATOM   256 H  H42    . C   A 1 8  ? 4.378   3.259   1.167   1.00 0.00 ? 8    C   A H42    1 
ATOM   257 H  H5     . C   A 1 8  ? 6.622   4.172   0.726   1.00 0.00 ? 8    C   A H5     1 
ATOM   258 H  H6     . C   A 1 8  ? 8.799   4.651   1.718   1.00 0.00 ? 8    C   A H6     1 
ATOM   259 P  P      . G   A 1 9  ? 12.820  1.247   2.174   1.00 0.00 ? 9    G   A P      1 
ATOM   260 O  OP1    . G   A 1 9  ? 14.278  1.000   2.203   1.00 0.00 ? 9    G   A OP1    1 
ATOM   261 O  OP2    . G   A 1 9  ? 12.077  1.138   0.898   1.00 0.00 ? 9    G   A OP2    1 
ATOM   262 O  "O5'"  . G   A 1 9  ? 12.120  0.274   3.250   1.00 0.00 ? 9    G   A "O5'"  1 
ATOM   263 C  "C5'"  . G   A 1 9  ? 12.798  -0.063  4.463   1.00 0.00 ? 9    G   A "C5'"  1 
ATOM   264 C  "C4'"  . G   A 1 9  ? 11.881  -0.791  5.441   1.00 0.00 ? 9    G   A "C4'"  1 
ATOM   265 O  "O4'"  . G   A 1 9  ? 10.619  -0.120  5.509   1.00 0.00 ? 9    G   A "O4'"  1 
ATOM   266 C  "C3'"  . G   A 1 9  ? 11.506  -2.204  5.041   1.00 0.00 ? 9    G   A "C3'"  1 
ATOM   267 O  "O3'"  . G   A 1 9  ? 12.501  -3.080  5.574   1.00 0.00 ? 9    G   A "O3'"  1 
ATOM   268 C  "C2'"  . G   A 1 9  ? 10.230  -2.438  5.830   1.00 0.00 ? 9    G   A "C2'"  1 
ATOM   269 O  "O2'"  . G   A 1 9  ? 10.530  -2.767  7.188   1.00 0.00 ? 9    G   A "O2'"  1 
ATOM   270 C  "C1'"  . G   A 1 9  ? 9.558   -1.066  5.743   1.00 0.00 ? 9    G   A "C1'"  1 
ATOM   271 N  N9     . G   A 1 9  ? 8.597   -0.991  4.627   1.00 0.00 ? 9    G   A N9     1 
ATOM   272 C  C8     . G   A 1 9  ? 8.791   -0.504  3.360   1.00 0.00 ? 9    G   A C8     1 
ATOM   273 N  N7     . G   A 1 9  ? 7.738   -0.599  2.596   1.00 0.00 ? 9    G   A N7     1 
ATOM   274 C  C5     . G   A 1 9  ? 6.780   -1.188  3.414   1.00 0.00 ? 9    G   A C5     1 
ATOM   275 C  C6     . G   A 1 9  ? 5.432   -1.541  3.131   1.00 0.00 ? 9    G   A C6     1 
ATOM   276 O  O6     . G   A 1 9  ? 4.810   -1.399  2.079   1.00 0.00 ? 9    G   A O6     1 
ATOM   277 N  N1     . G   A 1 9  ? 4.812   -2.112  4.230   1.00 0.00 ? 9    G   A N1     1 
ATOM   278 C  C2     . G   A 1 9  ? 5.408   -2.321  5.453   1.00 0.00 ? 9    G   A C2     1 
ATOM   279 N  N2     . G   A 1 9  ? 4.658   -2.882  6.403   1.00 0.00 ? 9    G   A N2     1 
ATOM   280 N  N3     . G   A 1 9  ? 6.673   -1.994  5.730   1.00 0.00 ? 9    G   A N3     1 
ATOM   281 C  C4     . G   A 1 9  ? 7.296   -1.433  4.663   1.00 0.00 ? 9    G   A C4     1 
ATOM   282 H  "H5'"  . G   A 1 9  ? 13.162  0.851   4.931   1.00 0.00 ? 9    G   A "H5'"  1 
ATOM   283 H  "H5''" . G   A 1 9  ? 13.647  -0.704  4.228   1.00 0.00 ? 9    G   A "H5''" 1 
ATOM   284 H  "H4'"  . G   A 1 9  ? 12.341  -0.782  6.429   1.00 0.00 ? 9    G   A "H4'"  1 
ATOM   285 H  "H3'"  . G   A 1 9  ? 11.382  -2.333  3.966   1.00 0.00 ? 9    G   A "H3'"  1 
ATOM   286 H  "H2'"  . G   A 1 9  ? 9.614   -3.204  5.362   1.00 0.00 ? 9    G   A "H2'"  1 
ATOM   287 H  "HO2'" . G   A 1 9  ? 11.095  -2.071  7.533   1.00 0.00 ? 9    G   A "HO2'" 1 
ATOM   288 H  "H1'"  . G   A 1 9  ? 9.051   -0.821  6.675   1.00 0.00 ? 9    G   A "H1'"  1 
ATOM   289 H  H8     . G   A 1 9  ? 9.736   -0.081  3.022   1.00 0.00 ? 9    G   A H8     1 
ATOM   290 H  H1     . G   A 1 9  ? 3.850   -2.400  4.115   1.00 0.00 ? 9    G   A H1     1 
ATOM   291 H  H21    . G   A 1 9  ? 3.695   -3.117  6.211   1.00 0.00 ? 9    G   A H21    1 
ATOM   292 H  H22    . G   A 1 9  ? 5.054   -3.071  7.312   1.00 0.00 ? 9    G   A H22    1 
ATOM   293 P  P      . G   A 1 10 ? 12.708  -4.549  4.949   1.00 0.00 ? 10   G   A P      1 
ATOM   294 O  OP1    . G   A 1 10 ? 13.811  -5.213  5.679   1.00 0.00 ? 10   G   A OP1    1 
ATOM   295 O  OP2    . G   A 1 10 ? 12.771  -4.421  3.476   1.00 0.00 ? 10   G   A OP2    1 
ATOM   296 O  "O5'"  . G   A 1 10 ? 11.331  -5.293  5.332   1.00 0.00 ? 10   G   A "O5'"  1 
ATOM   297 C  "C5'"  . G   A 1 10 ? 11.024  -5.579  6.698   1.00 0.00 ? 10   G   A "C5'"  1 
ATOM   298 C  "C4'"  . G   A 1 10 ? 9.675   -6.279  6.845   1.00 0.00 ? 10   G   A "C4'"  1 
ATOM   299 O  "O4'"  . G   A 1 10 ? 8.624   -5.388  6.452   1.00 0.00 ? 10   G   A "O4'"  1 
ATOM   300 C  "C3'"  . G   A 1 10 ? 9.465   -7.482  5.947   1.00 0.00 ? 10   G   A "C3'"  1 
ATOM   301 O  "O3'"  . G   A 1 10 ? 9.972   -8.629  6.632   1.00 0.00 ? 10   G   A "O3'"  1 
ATOM   302 C  "C2'"  . G   A 1 10 ? 7.952   -7.596  5.926   1.00 0.00 ? 10   G   A "C2'"  1 
ATOM   303 O  "O2'"  . G   A 1 10 ? 7.472   -8.190  7.135   1.00 0.00 ? 10   G   A "O2'"  1 
ATOM   304 C  "C1'"  . G   A 1 10 ? 7.543   -6.127  5.847   1.00 0.00 ? 10   G   A "C1'"  1 
ATOM   305 N  N9     . G   A 1 10 ? 7.375   -5.677  4.451   1.00 0.00 ? 10   G   A N9     1 
ATOM   306 C  C8     . G   A 1 10 ? 8.313   -5.145  3.604   1.00 0.00 ? 10   G   A C8     1 
ATOM   307 N  N7     . G   A 1 10 ? 7.846   -4.853  2.422   1.00 0.00 ? 10   G   A N7     1 
ATOM   308 C  C5     . G   A 1 10 ? 6.506   -5.219  2.488   1.00 0.00 ? 10   G   A C5     1 
ATOM   309 C  C6     . G   A 1 10 ? 5.488   -5.136  1.499   1.00 0.00 ? 10   G   A C6     1 
ATOM   310 O  O6     . G   A 1 10 ? 5.575   -4.719  0.345   1.00 0.00 ? 10   G   A O6     1 
ATOM   311 N  N1     . G   A 1 10 ? 4.276   -5.610  1.975   1.00 0.00 ? 10   G   A N1     1 
ATOM   312 C  C2     . G   A 1 10 ? 4.062   -6.106  3.240   1.00 0.00 ? 10   G   A C2     1 
ATOM   313 N  N2     . G   A 1 10 ? 2.832   -6.530  3.522   1.00 0.00 ? 10   G   A N2     1 
ATOM   314 N  N3     . G   A 1 10 ? 5.011   -6.188  4.177   1.00 0.00 ? 10   G   A N3     1 
ATOM   315 C  C4     . G   A 1 10 ? 6.205   -5.726  3.729   1.00 0.00 ? 10   G   A C4     1 
ATOM   316 H  "H5'"  . G   A 1 10 ? 11.001  -4.646  7.259   1.00 0.00 ? 10   G   A "H5'"  1 
ATOM   317 H  "H5''" . G   A 1 10 ? 11.803  -6.222  7.109   1.00 0.00 ? 10   G   A "H5''" 1 
ATOM   318 H  "H4'"  . G   A 1 10 ? 9.533   -6.553  7.891   1.00 0.00 ? 10   G   A "H4'"  1 
ATOM   319 H  "H3'"  . G   A 1 10 ? 9.906   -7.367  4.957   1.00 0.00 ? 10   G   A "H3'"  1 
ATOM   320 H  "H2'"  . G   A 1 10 ? 7.609   -8.143  5.052   1.00 0.00 ? 10   G   A "H2'"  1 
ATOM   321 H  "HO2'" . G   A 1 10 ? 7.690   -7.590  7.853   1.00 0.00 ? 10   G   A "HO2'" 1 
ATOM   322 H  "H1'"  . G   A 1 10 ? 6.622   -5.946  6.402   1.00 0.00 ? 10   G   A "H1'"  1 
ATOM   323 H  H8     . G   A 1 10 ? 9.353   -4.988  3.889   1.00 0.00 ? 10   G   A H8     1 
ATOM   324 H  H1     . G   A 1 10 ? 3.489   -5.570  1.344   1.00 0.00 ? 10   G   A H1     1 
ATOM   325 H  H21    . G   A 1 10 ? 2.125   -6.545  2.800   1.00 0.00 ? 10   G   A H21    1 
ATOM   326 H  H22    . G   A 1 10 ? 2.605   -6.838  4.457   1.00 0.00 ? 10   G   A H22    1 
ATOM   327 P  P      . U   A 1 11 ? 10.615  -9.850  5.799   1.00 0.00 ? 11   U   A P      1 
ATOM   328 O  OP1    . U   A 1 11 ? 11.283  -10.761 6.755   1.00 0.00 ? 11   U   A OP1    1 
ATOM   329 O  OP2    . U   A 1 11 ? 11.377  -9.285  4.663   1.00 0.00 ? 11   U   A OP2    1 
ATOM   330 O  "O5'"  . U   A 1 11 ? 9.316   -10.599 5.213   1.00 0.00 ? 11   U   A "O5'"  1 
ATOM   331 C  "C5'"  . U   A 1 11 ? 8.584   -11.516 6.026   1.00 0.00 ? 11   U   A "C5'"  1 
ATOM   332 C  "C4'"  . U   A 1 11 ? 7.364   -12.077 5.301   1.00 0.00 ? 11   U   A "C4'"  1 
ATOM   333 O  "O4'"  . U   A 1 11 ? 6.475   -11.008 4.949   1.00 0.00 ? 11   U   A "O4'"  1 
ATOM   334 C  "C3'"  . U   A 1 11 ? 7.650   -12.736 3.968   1.00 0.00 ? 11   U   A "C3'"  1 
ATOM   335 O  "O3'"  . U   A 1 11 ? 7.962   -14.110 4.207   1.00 0.00 ? 11   U   A "O3'"  1 
ATOM   336 C  "C2'"  . U   A 1 11 ? 6.290   -12.703 3.311   1.00 0.00 ? 11   U   A "C2'"  1 
ATOM   337 O  "O2'"  . U   A 1 11 ? 5.452   -13.736 3.836   1.00 0.00 ? 11   U   A "O2'"  1 
ATOM   338 C  "C1'"  . U   A 1 11 ? 5.772   -11.328 3.731   1.00 0.00 ? 11   U   A "C1'"  1 
ATOM   339 N  N1     . U   A 1 11 ? 6.054   -10.272 2.722   1.00 0.00 ? 11   U   A N1     1 
ATOM   340 C  C2     . U   A 1 11 ? 5.082   -10.013 1.766   1.00 0.00 ? 11   U   A C2     1 
ATOM   341 O  O2     . U   A 1 11 ? 4.023   -10.636 1.717   1.00 0.00 ? 11   U   A O2     1 
ATOM   342 N  N3     . U   A 1 11 ? 5.368   -9.005  0.864   1.00 0.00 ? 11   U   A N3     1 
ATOM   343 C  C4     . U   A 1 11 ? 6.521   -8.243  0.834   1.00 0.00 ? 11   U   A C4     1 
ATOM   344 O  O4     . U   A 1 11 ? 6.657   -7.369  -0.020  1.00 0.00 ? 11   U   A O4     1 
ATOM   345 C  C5     . U   A 1 11 ? 7.487   -8.573  1.858   1.00 0.00 ? 11   U   A C5     1 
ATOM   346 C  C6     . U   A 1 11 ? 7.227   -9.563  2.752   1.00 0.00 ? 11   U   A C6     1 
ATOM   347 H  "H5'"  . U   A 1 11 ? 8.254   -11.003 6.930   1.00 0.00 ? 11   U   A "H5'"  1 
ATOM   348 H  "H5''" . U   A 1 11 ? 9.239   -12.341 6.308   1.00 0.00 ? 11   U   A "H5''" 1 
ATOM   349 H  "H4'"  . U   A 1 11 ? 6.845   -12.766 5.966   1.00 0.00 ? 11   U   A "H4'"  1 
ATOM   350 H  "H3'"  . U   A 1 11 ? 8.422   -12.234 3.385   1.00 0.00 ? 11   U   A "H3'"  1 
ATOM   351 H  "H2'"  . U   A 1 11 ? 6.380   -12.781 2.241   1.00 0.00 ? 11   U   A "H2'"  1 
ATOM   352 H  "HO2'" . U   A 1 11 ? 4.888   -13.335 4.501   1.00 0.00 ? 11   U   A "HO2'" 1 
ATOM   353 H  "H1'"  . U   A 1 11 ? 4.702   -11.367 3.931   1.00 0.00 ? 11   U   A "H1'"  1 
ATOM   354 H  H3     . U   A 1 11 ? 4.677   -8.818  0.150   1.00 0.00 ? 11   U   A H3     1 
ATOM   355 H  H5     . U   A 1 11 ? 8.429   -8.027  1.912   1.00 0.00 ? 11   U   A H5     1 
ATOM   356 H  H6     . U   A 1 11 ? 7.975   -9.806  3.504   1.00 0.00 ? 11   U   A H6     1 
ATOM   357 P  P      . C   A 1 12 ? 8.374   -15.080 2.985   1.00 0.00 ? 12   C   A P      1 
ATOM   358 O  OP1    . C   A 1 12 ? 8.204   -16.481 3.430   1.00 0.00 ? 12   C   A OP1    1 
ATOM   359 O  OP2    . C   A 1 12 ? 9.681   -14.628 2.458   1.00 0.00 ? 12   C   A OP2    1 
ATOM   360 O  "O5'"  . C   A 1 12 ? 7.246   -14.765 1.873   1.00 0.00 ? 12   C   A "O5'"  1 
ATOM   361 C  "C5'"  . C   A 1 12 ? 6.020   -15.506 1.854   1.00 0.00 ? 12   C   A "C5'"  1 
ATOM   362 C  "C4'"  . C   A 1 12 ? 5.448   -15.637 0.443   1.00 0.00 ? 12   C   A "C4'"  1 
ATOM   363 O  "O4'"  . C   A 1 12 ? 4.894   -14.387 0.017   1.00 0.00 ? 12   C   A "O4'"  1 
ATOM   364 C  "C3'"  . C   A 1 12 ? 6.457   -15.936 -0.642  1.00 0.00 ? 12   C   A "C3'"  1 
ATOM   365 O  "O3'"  . C   A 1 12 ? 6.652   -17.347 -0.698  1.00 0.00 ? 12   C   A "O3'"  1 
ATOM   366 C  "C2'"  . C   A 1 12 ? 5.694   -15.542 -1.897  1.00 0.00 ? 12   C   A "C2'"  1 
ATOM   367 O  "O2'"  . C   A 1 12 ? 4.775   -16.575 -2.265  1.00 0.00 ? 12   C   A "O2'"  1 
ATOM   368 C  "C1'"  . C   A 1 12 ? 4.937   -14.299 -1.426  1.00 0.00 ? 12   C   A "C1'"  1 
ATOM   369 N  N1     . C   A 1 12 ? 5.607   -13.044 -1.832  1.00 0.00 ? 12   C   A N1     1 
ATOM   370 C  C2     . C   A 1 12 ? 5.718   -12.792 -3.192  1.00 0.00 ? 12   C   A C2     1 
ATOM   371 O  O2     . C   A 1 12 ? 5.232   -13.572 -4.009  1.00 0.00 ? 12   C   A O2     1 
ATOM   372 N  N3     . C   A 1 12 ? 6.352   -11.656 -3.596  1.00 0.00 ? 12   C   A N3     1 
ATOM   373 C  C4     . C   A 1 12 ? 6.857   -10.799 -2.698  1.00 0.00 ? 12   C   A C4     1 
ATOM   374 N  N4     . C   A 1 12 ? 7.472   -9.707  -3.152  1.00 0.00 ? 12   C   A N4     1 
ATOM   375 C  C5     . C   A 1 12 ? 6.741   -11.052 -1.298  1.00 0.00 ? 12   C   A C5     1 
ATOM   376 C  C6     . C   A 1 12 ? 6.111   -12.176 -0.912  1.00 0.00 ? 12   C   A C6     1 
ATOM   377 H  "H5'"  . C   A 1 12 ? 5.290   -15.002 2.486   1.00 0.00 ? 12   C   A "H5'"  1 
ATOM   378 H  "H5''" . C   A 1 12 ? 6.205   -16.503 2.255   1.00 0.00 ? 12   C   A "H5''" 1 
ATOM   379 H  "H4'"  . C   A 1 12 ? 4.661   -16.390 0.451   1.00 0.00 ? 12   C   A "H4'"  1 
ATOM   380 H  "H3'"  . C   A 1 12 ? 7.396   -15.402 -0.515  1.00 0.00 ? 12   C   A "H3'"  1 
ATOM   381 H  "H2'"  . C   A 1 12 ? 6.367   -15.308 -2.716  1.00 0.00 ? 12   C   A "H2'"  1 
ATOM   382 H  "HO2'" . C   A 1 12 ? 5.024   -17.364 -1.779  1.00 0.00 ? 12   C   A "HO2'" 1 
ATOM   383 H  "H1'"  . C   A 1 12 ? 3.929   -14.298 -1.816  1.00 0.00 ? 12   C   A "H1'"  1 
ATOM   384 H  H41    . C   A 1 12 ? 7.471   -9.501  -4.142  1.00 0.00 ? 12   C   A H41    1 
ATOM   385 H  H42    . C   A 1 12 ? 7.934   -9.082  -2.506  1.00 0.00 ? 12   C   A H42    1 
ATOM   386 H  H5     . C   A 1 12 ? 7.160   -10.372 -0.560  1.00 0.00 ? 12   C   A H5     1 
ATOM   387 H  H6     . C   A 1 12 ? 5.983   -12.380 0.145   1.00 0.00 ? 12   C   A H6     1 
ATOM   388 P  P      . U   A 1 13 ? 8.025   -17.932 -1.297  1.00 0.00 ? 13   U   A P      1 
ATOM   389 O  OP1    . U   A 1 13 ? 7.749   -19.271 -1.865  1.00 0.00 ? 13   U   A OP1    1 
ATOM   390 O  OP2    . U   A 1 13 ? 9.086   -17.764 -0.279  1.00 0.00 ? 13   U   A OP2    1 
ATOM   391 O  "O5'"  . U   A 1 13 ? 8.327   -16.919 -2.514  1.00 0.00 ? 13   U   A "O5'"  1 
ATOM   392 C  "C5'"  . U   A 1 13 ? 7.835   -17.197 -3.828  1.00 0.00 ? 13   U   A "C5'"  1 
ATOM   393 C  "C4'"  . U   A 1 13 ? 8.131   -16.057 -4.801  1.00 0.00 ? 13   U   A "C4'"  1 
ATOM   394 O  "O4'"  . U   A 1 13 ? 7.734   -14.804 -4.236  1.00 0.00 ? 13   U   A "O4'"  1 
ATOM   395 C  "C3'"  . U   A 1 13 ? 9.595   -15.844 -5.117  1.00 0.00 ? 13   U   A "C3'"  1 
ATOM   396 O  "O3'"  . U   A 1 13 ? 9.931   -16.708 -6.205  1.00 0.00 ? 13   U   A "O3'"  1 
ATOM   397 C  "C2'"  . U   A 1 13 ? 9.613   -14.423 -5.652  1.00 0.00 ? 13   U   A "C2'"  1 
ATOM   398 O  "O2'"  . U   A 1 13 ? 9.246   -14.406 -7.035  1.00 0.00 ? 13   U   A "O2'"  1 
ATOM   399 C  "C1'"  . U   A 1 13 ? 8.529   -13.738 -4.800  1.00 0.00 ? 13   U   A "C1'"  1 
ATOM   400 N  N1     . U   A 1 13 ? 9.098   -12.909 -3.709  1.00 0.00 ? 13   U   A N1     1 
ATOM   401 C  C2     . U   A 1 13 ? 9.951   -11.880 -4.071  1.00 0.00 ? 13   U   A C2     1 
ATOM   402 O  O2     . U   A 1 13 ? 10.213  -11.625 -5.245  1.00 0.00 ? 13   U   A O2     1 
ATOM   403 N  N3     . U   A 1 13 ? 10.488  -11.141 -3.033  1.00 0.00 ? 13   U   A N3     1 
ATOM   404 C  C4     . U   A 1 13 ? 10.247  -11.336 -1.686  1.00 0.00 ? 13   U   A C4     1 
ATOM   405 O  O4     . U   A 1 13 ? 10.789  -10.612 -0.854  1.00 0.00 ? 13   U   A O4     1 
ATOM   406 C  C5     . U   A 1 13 ? 9.343   -12.423 -1.388  1.00 0.00 ? 13   U   A C5     1 
ATOM   407 C  C6     . U   A 1 13 ? 8.803   -13.159 -2.393  1.00 0.00 ? 13   U   A C6     1 
ATOM   408 H  "H5'"  . U   A 1 13 ? 6.757   -17.351 -3.778  1.00 0.00 ? 13   U   A "H5'"  1 
ATOM   409 H  "H5''" . U   A 1 13 ? 8.306   -18.108 -4.195  1.00 0.00 ? 13   U   A "H5''" 1 
ATOM   410 H  "H4'"  . U   A 1 13 ? 7.566   -16.224 -5.718  1.00 0.00 ? 13   U   A "H4'"  1 
ATOM   411 H  "H3'"  . U   A 1 13 ? 10.251  -15.993 -4.259  1.00 0.00 ? 13   U   A "H3'"  1 
ATOM   412 H  "H2'"  . U   A 1 13 ? 10.589  -13.964 -5.500  1.00 0.00 ? 13   U   A "H2'"  1 
ATOM   413 H  "HO2'" . U   A 1 13 ? 8.917   -13.526 -7.233  1.00 0.00 ? 13   U   A "HO2'" 1 
ATOM   414 H  "H1'"  . U   A 1 13 ? 7.890   -13.115 -5.422  1.00 0.00 ? 13   U   A "H1'"  1 
ATOM   415 H  H3     . U   A 1 13 ? 11.123  -10.393 -3.282  1.00 0.00 ? 13   U   A H3     1 
ATOM   416 H  H5     . U   A 1 13 ? 9.092   -12.652 -0.351  1.00 0.00 ? 13   U   A H5     1 
ATOM   417 H  H6     . U   A 1 13 ? 8.092   -13.945 -2.150  1.00 0.00 ? 13   U   A H6     1 
ATOM   418 P  P      . U   A 1 14 ? 11.457  -17.167 -6.433  1.00 0.00 ? 14   U   A P      1 
ATOM   419 O  OP1    . U   A 1 14 ? 11.449  -18.483 -7.111  1.00 0.00 ? 14   U   A OP1    1 
ATOM   420 O  OP2    . U   A 1 14 ? 12.183  -17.005 -5.153  1.00 0.00 ? 14   U   A OP2    1 
ATOM   421 O  "O5'"  . U   A 1 14 ? 12.012  -16.063 -7.470  1.00 0.00 ? 14   U   A "O5'"  1 
ATOM   422 C  "C5'"  . U   A 1 14 ? 11.227  -15.649 -8.594  1.00 0.00 ? 14   U   A "C5'"  1 
ATOM   423 C  "C4'"  . U   A 1 14 ? 11.454  -16.554 -9.798  1.00 0.00 ? 14   U   A "C4'"  1 
ATOM   424 O  "O4'"  . U   A 1 14 ? 11.104  -17.900 -9.445  1.00 0.00 ? 14   U   A "O4'"  1 
ATOM   425 C  "C3'"  . U   A 1 14 ? 10.622  -16.234 -11.035 1.00 0.00 ? 14   U   A "C3'"  1 
ATOM   426 O  "O3'"  . U   A 1 14 ? 11.420  -16.595 -12.166 1.00 0.00 ? 14   U   A "O3'"  1 
ATOM   427 C  "C2'"  . U   A 1 14 ? 9.463   -17.214 -10.984 1.00 0.00 ? 14   U   A "C2'"  1 
ATOM   428 O  "O2'"  . U   A 1 14 ? 9.028   -17.541 -12.307 1.00 0.00 ? 14   U   A "O2'"  1 
ATOM   429 C  "C1'"  . U   A 1 14 ? 10.094  -18.424 -10.315 1.00 0.00 ? 14   U   A "C1'"  1 
ATOM   430 N  N1     . U   A 1 14 ? 9.108   -19.172 -9.492  1.00 0.00 ? 14   U   A N1     1 
ATOM   431 C  C2     . U   A 1 14 ? 8.757   -20.456 -9.886  1.00 0.00 ? 14   U   A C2     1 
ATOM   432 O  O2     . U   A 1 14 ? 9.234   -20.994 -10.882 1.00 0.00 ? 14   U   A O2     1 
ATOM   433 N  N3     . U   A 1 14 ? 7.831   -21.103 -9.090  1.00 0.00 ? 14   U   A N3     1 
ATOM   434 C  C4     . U   A 1 14 ? 7.233   -20.590 -7.955  1.00 0.00 ? 14   U   A C4     1 
ATOM   435 O  O4     . U   A 1 14 ? 6.420   -21.267 -7.330  1.00 0.00 ? 14   U   A O4     1 
ATOM   436 C  C5     . U   A 1 14 ? 7.649   -19.249 -7.608  1.00 0.00 ? 14   U   A C5     1 
ATOM   437 C  C6     . U   A 1 14 ? 8.556   -18.595 -8.377  1.00 0.00 ? 14   U   A C6     1 
ATOM   438 H  "H5'"  . U   A 1 14 ? 11.503  -14.628 -8.861  1.00 0.00 ? 14   U   A "H5'"  1 
ATOM   439 H  "H5''" . U   A 1 14 ? 10.180  -15.674 -8.321  1.00 0.00 ? 14   U   A "H5''" 1 
ATOM   440 H  "H4'"  . U   A 1 14 ? 12.504  -16.517 -10.046 1.00 0.00 ? 14   U   A "H4'"  1 
ATOM   441 H  "H3'"  . U   A 1 14 ? 10.304  -15.198 -11.083 1.00 0.00 ? 14   U   A "H3'"  1 
ATOM   442 H  "H2'"  . U   A 1 14 ? 8.643   -16.821 -10.387 1.00 0.00 ? 14   U   A "H2'"  1 
ATOM   443 H  "HO2'" . U   A 1 14 ? 9.432   -18.379 -12.542 1.00 0.00 ? 14   U   A "HO2'" 1 
ATOM   444 H  "H1'"  . U   A 1 14 ? 10.560  -19.083 -11.052 1.00 0.00 ? 14   U   A "H1'"  1 
ATOM   445 H  H3     . U   A 1 14 ? 7.563   -22.038 -9.366  1.00 0.00 ? 14   U   A H3     1 
ATOM   446 H  H5     . U   A 1 14 ? 7.229   -18.762 -6.728  1.00 0.00 ? 14   U   A H5     1 
ATOM   447 H  H6     . U   A 1 14 ? 8.848   -17.578 -8.106  1.00 0.00 ? 14   U   A H6     1 
ATOM   448 P  P      . C   A 1 15 ? 11.223  -15.849 -13.578 1.00 0.00 ? 15   C   A P      1 
ATOM   449 O  OP1    . C   A 1 15 ? 9.973   -16.348 -14.193 1.00 0.00 ? 15   C   A OP1    1 
ATOM   450 O  OP2    . C   A 1 15 ? 12.497  -15.929 -14.326 1.00 0.00 ? 15   C   A OP2    1 
ATOM   451 O  "O5'"  . C   A 1 15 ? 10.991  -14.319 -13.137 1.00 0.00 ? 15   C   A "O5'"  1 
ATOM   452 C  "C5'"  . C   A 1 15 ? 10.851  -13.297 -14.126 1.00 0.00 ? 15   C   A "C5'"  1 
ATOM   453 C  "C4'"  . C   A 1 15 ? 9.969   -12.156 -13.634 1.00 0.00 ? 15   C   A "C4'"  1 
ATOM   454 O  "O4'"  . C   A 1 15 ? 8.767   -12.697 -13.054 1.00 0.00 ? 15   C   A "O4'"  1 
ATOM   455 C  "C3'"  . C   A 1 15 ? 10.580  -11.309 -12.521 1.00 0.00 ? 15   C   A "C3'"  1 
ATOM   456 O  "O3'"  . C   A 1 15 ? 9.927   -10.034 -12.574 1.00 0.00 ? 15   C   A "O3'"  1 
ATOM   457 C  "C2'"  . C   A 1 15 ? 10.090  -12.012 -11.268 1.00 0.00 ? 15   C   A "C2'"  1 
ATOM   458 O  "O2'"  . C   A 1 15 ? 10.145  -11.144 -10.134 1.00 0.00 ? 15   C   A "O2'"  1 
ATOM   459 C  "C1'"  . C   A 1 15 ? 8.652   -12.283 -11.686 1.00 0.00 ? 15   C   A "C1'"  1 
ATOM   460 N  N1     . C   A 1 15 ? 7.904   -13.323 -10.912 1.00 0.00 ? 15   C   A N1     1 
ATOM   461 C  C2     . C   A 1 15 ? 6.612   -13.592 -11.359 1.00 0.00 ? 15   C   A C2     1 
ATOM   462 O  O2     . C   A 1 15 ? 6.187   -13.056 -12.382 1.00 0.00 ? 15   C   A O2     1 
ATOM   463 N  N3     . C   A 1 15 ? 5.833   -14.454 -10.653 1.00 0.00 ? 15   C   A N3     1 
ATOM   464 C  C4     . C   A 1 15 ? 6.291   -15.038 -9.544  1.00 0.00 ? 15   C   A C4     1 
ATOM   465 N  N4     . C   A 1 15 ? 5.474   -15.864 -8.891  1.00 0.00 ? 15   C   A N4     1 
ATOM   466 C  C5     . C   A 1 15 ? 7.611   -14.784 -9.069  1.00 0.00 ? 15   C   A C5     1 
ATOM   467 C  C6     . C   A 1 15 ? 8.390   -13.933 -9.771  1.00 0.00 ? 15   C   A C6     1 
ATOM   468 H  "H5'"  . C   A 1 15 ? 10.407  -13.729 -15.022 1.00 0.00 ? 15   C   A "H5'"  1 
ATOM   469 H  "H5''" . C   A 1 15 ? 11.836  -12.904 -14.373 1.00 0.00 ? 15   C   A "H5''" 1 
ATOM   470 H  "H4'"  . C   A 1 15 ? 9.699   -11.528 -14.484 1.00 0.00 ? 15   C   A "H4'"  1 
ATOM   471 H  "H3'"  . C   A 1 15 ? 11.665  -11.220 -12.581 1.00 0.00 ? 15   C   A "H3'"  1 
ATOM   472 H  "H2'"  . C   A 1 15 ? 10.648  -12.928 -11.104 1.00 0.00 ? 15   C   A "H2'"  1 
ATOM   473 H  "HO2'" . C   A 1 15 ? 10.259  -11.696 -9.357  1.00 0.00 ? 15   C   A "HO2'" 1 
ATOM   474 H  "H1'"  . C   A 1 15 ? 8.080   -11.360 -11.654 1.00 0.00 ? 15   C   A "H1'"  1 
ATOM   475 H  H41    . C   A 1 15 ? 4.548   -16.045 -9.248  1.00 0.00 ? 15   C   A H41    1 
ATOM   476 H  H42    . C   A 1 15 ? 5.784   -16.309 -8.038  1.00 0.00 ? 15   C   A H42    1 
ATOM   477 H  H5     . C   A 1 15 ? 7.978   -15.249 -8.158  1.00 0.00 ? 15   C   A H5     1 
ATOM   478 H  H6     . C   A 1 15 ? 9.416   -13.769 -9.442  1.00 0.00 ? 15   C   A H6     1 
ATOM   479 P  P      . G   A 1 16 ? 10.514  -8.763  -11.775 1.00 0.00 ? 16   G   A P      1 
ATOM   480 O  OP1    . G   A 1 16 ? 10.784  -7.688  -12.757 1.00 0.00 ? 16   G   A OP1    1 
ATOM   481 O  OP2    . G   A 1 16 ? 11.593  -9.235  -10.879 1.00 0.00 ? 16   G   A OP2    1 
ATOM   482 O  "O5'"  . G   A 1 16 ? 9.264   -8.310  -10.864 1.00 0.00 ? 16   G   A "O5'"  1 
ATOM   483 C  "C5'"  . G   A 1 16 ? 8.328   -7.337  -11.339 1.00 0.00 ? 16   G   A "C5'"  1 
ATOM   484 C  "C4'"  . G   A 1 16 ? 7.134   -8.007  -12.038 1.00 0.00 ? 16   G   A "C4'"  1 
ATOM   485 O  "O4'"  . G   A 1 16 ? 7.194   -9.421  -11.822 1.00 0.00 ? 16   G   A "O4'"  1 
ATOM   486 C  "C3'"  . G   A 1 16 ? 5.759   -7.650  -11.499 1.00 0.00 ? 16   G   A "C3'"  1 
ATOM   487 O  "O3'"  . G   A 1 16 ? 5.311   -6.460  -12.150 1.00 0.00 ? 16   G   A "O3'"  1 
ATOM   488 C  "C2'"  . G   A 1 16 ? 4.921   -8.798  -12.012 1.00 0.00 ? 16   G   A "C2'"  1 
ATOM   489 O  "O2'"  . G   A 1 16 ? 4.669   -8.659  -13.412 1.00 0.00 ? 16   G   A "O2'"  1 
ATOM   490 C  "C1'"  . G   A 1 16 ? 5.861   -9.966  -11.748 1.00 0.00 ? 16   G   A "C1'"  1 
ATOM   491 N  N9     . G   A 1 16 ? 5.646   -10.543 -10.408 1.00 0.00 ? 16   G   A N9     1 
ATOM   492 C  C8     . G   A 1 16 ? 4.509   -11.124 -9.918  1.00 0.00 ? 16   G   A C8     1 
ATOM   493 N  N7     . G   A 1 16 ? 4.619   -11.549 -8.693  1.00 0.00 ? 16   G   A N7     1 
ATOM   494 C  C5     . G   A 1 16 ? 5.921   -11.219 -8.339  1.00 0.00 ? 16   G   A C5     1 
ATOM   495 C  C6     . G   A 1 16 ? 6.609   -11.434 -7.116  1.00 0.00 ? 16   G   A C6     1 
ATOM   496 O  O6     . G   A 1 16 ? 6.196   -11.976 -6.093  1.00 0.00 ? 16   G   A O6     1 
ATOM   497 N  N1     . G   A 1 16 ? 7.904   -10.950 -7.169  1.00 0.00 ? 16   G   A N1     1 
ATOM   498 C  C2     . G   A 1 16 ? 8.476   -10.334 -8.257  1.00 0.00 ? 16   G   A C2     1 
ATOM   499 N  N2     . G   A 1 16 ? 9.732   -9.912  -8.114  1.00 0.00 ? 16   G   A N2     1 
ATOM   500 N  N3     . G   A 1 16 ? 7.840   -10.129 -9.417  1.00 0.00 ? 16   G   A N3     1 
ATOM   501 C  C4     . G   A 1 16 ? 6.566   -10.597 -9.383  1.00 0.00 ? 16   G   A C4     1 
ATOM   502 H  "H5'"  . G   A 1 16 ? 8.835   -6.671  -12.040 1.00 0.00 ? 16   G   A "H5'"  1 
ATOM   503 H  "H5''" . G   A 1 16 ? 7.972   -6.748  -10.492 1.00 0.00 ? 16   G   A "H5''" 1 
ATOM   504 H  "H4'"  . G   A 1 16 ? 7.184   -7.812  -13.111 1.00 0.00 ? 16   G   A "H4'"  1 
ATOM   505 H  "H3'"  . G   A 1 16 ? 5.739   -7.554  -10.416 1.00 0.00 ? 16   G   A "H3'"  1 
ATOM   506 H  "H2'"  . G   A 1 16 ? 3.997   -8.900  -11.448 1.00 0.00 ? 16   G   A "H2'"  1 
ATOM   507 H  "HO2'" . G   A 1 16 ? 5.423   -8.203  -13.795 1.00 0.00 ? 16   G   A "HO2'" 1 
ATOM   508 H  "H1'"  . G   A 1 16 ? 5.743   -10.746 -12.501 1.00 0.00 ? 16   G   A "H1'"  1 
ATOM   509 H  H8     . G   A 1 16 ? 3.583   -11.179 -10.486 1.00 0.00 ? 16   G   A H8     1 
ATOM   510 H  H1     . G   A 1 16 ? 8.467   -11.060 -6.342  1.00 0.00 ? 16   G   A H1     1 
ATOM   511 H  H21    . G   A 1 16 ? 10.193  -9.990  -7.215  1.00 0.00 ? 16   G   A H21    1 
ATOM   512 H  H22    . G   A 1 16 ? 10.223  -9.510  -8.900  1.00 0.00 ? 16   G   A H22    1 
ATOM   513 P  P      . G   A 1 17 ? 5.130   -5.102  -11.302 1.00 0.00 ? 17   G   A P      1 
ATOM   514 O  OP1    . G   A 1 17 ? 5.549   -3.967  -12.156 1.00 0.00 ? 17   G   A OP1    1 
ATOM   515 O  OP2    . G   A 1 17 ? 5.766   -5.301  -9.979  1.00 0.00 ? 17   G   A OP2    1 
ATOM   516 O  "O5'"  . G   A 1 17 ? 3.531   -5.005  -11.080 1.00 0.00 ? 17   G   A "O5'"  1 
ATOM   517 C  "C5'"  . G   A 1 17 ? 2.609   -5.710  -11.925 1.00 0.00 ? 17   G   A "C5'"  1 
ATOM   518 C  "C4'"  . G   A 1 17 ? 1.842   -6.797  -11.170 1.00 0.00 ? 17   G   A "C4'"  1 
ATOM   519 O  "O4'"  . G   A 1 17 ? 2.731   -7.843  -10.758 1.00 0.00 ? 17   G   A "O4'"  1 
ATOM   520 C  "C3'"  . G   A 1 17 ? 1.207   -6.354  -9.866  1.00 0.00 ? 17   G   A "C3'"  1 
ATOM   521 O  "O3'"  . G   A 1 17 ? -0.082  -5.818  -10.165 1.00 0.00 ? 17   G   A "O3'"  1 
ATOM   522 C  "C2'"  . G   A 1 17 ? 0.994   -7.679  -9.157  1.00 0.00 ? 17   G   A "C2'"  1 
ATOM   523 O  "O2'"  . G   A 1 17 ? -0.132  -8.370  -9.701  1.00 0.00 ? 17   G   A "O2'"  1 
ATOM   524 C  "C1'"  . G   A 1 17 ? 2.292   -8.406  -9.502  1.00 0.00 ? 17   G   A "C1'"  1 
ATOM   525 N  N9     . G   A 1 17 ? 3.334   -8.161  -8.493  1.00 0.00 ? 17   G   A N9     1 
ATOM   526 C  C8     . G   A 1 17 ? 4.149   -7.074  -8.376  1.00 0.00 ? 17   G   A C8     1 
ATOM   527 N  N7     . G   A 1 17 ? 4.959   -7.127  -7.359  1.00 0.00 ? 17   G   A N7     1 
ATOM   528 C  C5     . G   A 1 17 ? 4.657   -8.342  -6.758  1.00 0.00 ? 17   G   A C5     1 
ATOM   529 C  C6     . G   A 1 17 ? 5.217   -8.948  -5.604  1.00 0.00 ? 17   G   A C6     1 
ATOM   530 O  O6     . G   A 1 17 ? 6.113   -8.523  -4.878  1.00 0.00 ? 17   G   A O6     1 
ATOM   531 N  N1     . G   A 1 17 ? 4.630   -10.171 -5.337  1.00 0.00 ? 17   G   A N1     1 
ATOM   532 C  C2     . G   A 1 17 ? 3.632   -10.750 -6.084  1.00 0.00 ? 17   G   A C2     1 
ATOM   533 N  N2     . G   A 1 17 ? 3.204   -11.950 -5.690  1.00 0.00 ? 17   G   A N2     1 
ATOM   534 N  N3     . G   A 1 17 ? 3.094   -10.190 -7.171  1.00 0.00 ? 17   G   A N3     1 
ATOM   535 C  C4     . G   A 1 17 ? 3.658   -8.988  -7.447  1.00 0.00 ? 17   G   A C4     1 
ATOM   536 H  "H5'"  . G   A 1 17 ? 3.154   -6.170  -12.748 1.00 0.00 ? 17   G   A "H5'"  1 
ATOM   537 H  "H5''" . G   A 1 17 ? 1.893   -4.996  -12.333 1.00 0.00 ? 17   G   A "H5''" 1 
ATOM   538 H  "H4'"  . G   A 1 17 ? 1.088   -7.219  -11.834 1.00 0.00 ? 17   G   A "H4'"  1 
ATOM   539 H  "H3'"  . G   A 1 17 ? 1.820   -5.654  -9.300  1.00 0.00 ? 17   G   A "H3'"  1 
ATOM   540 H  "H2'"  . G   A 1 17 ? 0.895   -7.541  -8.081  1.00 0.00 ? 17   G   A "H2'"  1 
ATOM   541 H  "HO2'" . G   A 1 17 ? 0.142   -9.275  -9.870  1.00 0.00 ? 17   G   A "HO2'" 1 
ATOM   542 H  "H1'"  . G   A 1 17 ? 2.131   -9.478  -9.616  1.00 0.00 ? 17   G   A "H1'"  1 
ATOM   543 H  H8     . G   A 1 17 ? 4.124   -6.245  -9.075  1.00 0.00 ? 17   G   A H8     1 
ATOM   544 H  H1     . G   A 1 17 ? 4.953   -10.663 -4.522  1.00 0.00 ? 17   G   A H1     1 
ATOM   545 H  H21    . G   A 1 17 ? 3.661   -12.422 -4.921  1.00 0.00 ? 17   G   A H21    1 
ATOM   546 H  H22    . G   A 1 17 ? 2.429   -12.391 -6.165  1.00 0.00 ? 17   G   A H22    1 
ATOM   547 P  P      . A   A 1 18 ? -0.871  -4.952  -9.060  1.00 0.00 ? 18   A   A P      1 
ATOM   548 O  OP1    . A   A 1 18 ? -2.261  -4.753  -9.531  1.00 0.00 ? 18   A   A OP1    1 
ATOM   549 O  OP2    . A   A 1 18 ? -0.038  -3.782  -8.706  1.00 0.00 ? 18   A   A OP2    1 
ATOM   550 O  "O5'"  . A   A 1 18 ? -0.906  -5.949  -7.794  1.00 0.00 ? 18   A   A "O5'"  1 
ATOM   551 C  "C5'"  . A   A 1 18 ? -1.836  -7.032  -7.762  1.00 0.00 ? 18   A   A "C5'"  1 
ATOM   552 C  "C4'"  . A   A 1 18 ? -1.752  -7.825  -6.461  1.00 0.00 ? 18   A   A "C4'"  1 
ATOM   553 O  "O4'"  . A   A 1 18 ? -0.456  -8.413  -6.321  1.00 0.00 ? 18   A   A "O4'"  1 
ATOM   554 C  "C3'"  . A   A 1 18 ? -1.887  -7.012  -5.194  1.00 0.00 ? 18   A   A "C3'"  1 
ATOM   555 O  "O3'"  . A   A 1 18 ? -3.282  -6.868  -4.917  1.00 0.00 ? 18   A   A "O3'"  1 
ATOM   556 C  "C2'"  . A   A 1 18 ? -1.311  -7.959  -4.152  1.00 0.00 ? 18   A   A "C2'"  1 
ATOM   557 O  "O2'"  . A   A 1 18 ? -2.284  -8.934  -3.766  1.00 0.00 ? 18   A   A "O2'"  1 
ATOM   558 C  "C1'"  . A   A 1 18 ? -0.164  -8.620  -4.924  1.00 0.00 ? 18   A   A "C1'"  1 
ATOM   559 N  N9     . A   A 1 18 ? 1.143   -8.016  -4.593  1.00 0.00 ? 18   A   A N9     1 
ATOM   560 C  C8     . A   A 1 18 ? 1.801   -6.981  -5.210  1.00 0.00 ? 18   A   A C8     1 
ATOM   561 N  N7     . A   A 1 18 ? 2.934   -6.668  -4.642  1.00 0.00 ? 18   A   A N7     1 
ATOM   562 C  C5     . A   A 1 18 ? 3.030   -7.557  -3.577  1.00 0.00 ? 18   A   A C5     1 
ATOM   563 C  C6     . A   A 1 18 ? 4.000   -7.748  -2.578  1.00 0.00 ? 18   A   A C6     1 
ATOM   564 N  N6     . A   A 1 18 ? 5.110   -7.014  -2.478  1.00 0.00 ? 18   A   A N6     1 
ATOM   565 N  N1     . A   A 1 18 ? 3.786   -8.719  -1.675  1.00 0.00 ? 18   A   A N1     1 
ATOM   566 C  C2     . A   A 1 18 ? 2.680   -9.448  -1.762  1.00 0.00 ? 18   A   A C2     1 
ATOM   567 N  N3     . A   A 1 18 ? 1.697   -9.368  -2.646  1.00 0.00 ? 18   A   A N3     1 
ATOM   568 C  C4     . A   A 1 18 ? 1.944   -8.384  -3.537  1.00 0.00 ? 18   A   A C4     1 
ATOM   569 H  "H5'"  . A   A 1 18 ? -1.629  -7.700  -8.598  1.00 0.00 ? 18   A   A "H5'"  1 
ATOM   570 H  "H5''" . A   A 1 18 ? -2.846  -6.635  -7.868  1.00 0.00 ? 18   A   A "H5''" 1 
ATOM   571 H  "H4'"  . A   A 1 18 ? -2.498  -8.618  -6.485  1.00 0.00 ? 18   A   A "H4'"  1 
ATOM   572 H  "H3'"  . A   A 1 18 ? -1.377  -6.050  -5.237  1.00 0.00 ? 18   A   A "H3'"  1 
ATOM   573 H  "H2'"  . A   A 1 18 ? -0.936  -7.414  -3.291  1.00 0.00 ? 18   A   A "H2'"  1 
ATOM   574 H  "HO2'" . A   A 1 18 ? -1.854  -9.791  -3.788  1.00 0.00 ? 18   A   A "HO2'" 1 
ATOM   575 H  "H1'"  . A   A 1 18 ? -0.127  -9.689  -4.719  1.00 0.00 ? 18   A   A "H1'"  1 
ATOM   576 H  H8     . A   A 1 18 ? 1.411   -6.463  -6.084  1.00 0.00 ? 18   A   A H8     1 
ATOM   577 H  H61    . A   A 1 18 ? 5.734   -7.146  -1.693  1.00 0.00 ? 18   A   A H61    1 
ATOM   578 H  H62    . A   A 1 18 ? 5.327   -6.325  -3.185  1.00 0.00 ? 18   A   A H62    1 
ATOM   579 H  H2     . A   A 1 18 ? 2.565   -10.219 -1.001  1.00 0.00 ? 18   A   A H2     1 
ATOM   580 P  P      . C   A 1 19 ? -3.798  -5.699  -3.936  1.00 0.00 ? 19   C   A P      1 
ATOM   581 O  OP1    . C   A 1 19 ? -5.275  -5.757  -3.882  1.00 0.00 ? 19   C   A OP1    1 
ATOM   582 O  OP2    . C   A 1 19 ? -3.122  -4.439  -4.322  1.00 0.00 ? 19   C   A OP2    1 
ATOM   583 O  "O5'"  . C   A 1 19 ? -3.222  -6.163  -2.507  1.00 0.00 ? 19   C   A "O5'"  1 
ATOM   584 C  "C5'"  . C   A 1 19 ? -3.844  -7.235  -1.795  1.00 0.00 ? 19   C   A "C5'"  1 
ATOM   585 C  "C4'"  . C   A 1 19 ? -3.073  -7.599  -0.529  1.00 0.00 ? 19   C   A "C4'"  1 
ATOM   586 O  "O4'"  . C   A 1 19 ? -1.736  -7.965  -0.869  1.00 0.00 ? 19   C   A "O4'"  1 
ATOM   587 C  "C3'"  . C   A 1 19 ? -2.880  -6.469  0.460   1.00 0.00 ? 19   C   A "C3'"  1 
ATOM   588 O  "O3'"  . C   A 1 19 ? -4.017  -6.459  1.327   1.00 0.00 ? 19   C   A "O3'"  1 
ATOM   589 C  "C2'"  . C   A 1 19 ? -1.693  -6.950  1.279   1.00 0.00 ? 19   C   A "C2'"  1 
ATOM   590 O  "O2'"  . C   A 1 19 ? -2.121  -7.858  2.298   1.00 0.00 ? 19   C   A "O2'"  1 
ATOM   591 C  "C1'"  . C   A 1 19 ? -0.849  -7.679  0.230   1.00 0.00 ? 19   C   A "C1'"  1 
ATOM   592 N  N1     . C   A 1 19 ? 0.271   -6.839  -0.262  1.00 0.00 ? 19   C   A N1     1 
ATOM   593 C  C2     . C   A 1 19 ? 1.524   -7.016  0.316   1.00 0.00 ? 19   C   A C2     1 
ATOM   594 O  O2     . C   A 1 19 ? 1.682   -7.854  1.200   1.00 0.00 ? 19   C   A O2     1 
ATOM   595 N  N3     . C   A 1 19 ? 2.558   -6.243  -0.115  1.00 0.00 ? 19   C   A N3     1 
ATOM   596 C  C4     . C   A 1 19 ? 2.376   -5.329  -1.075  1.00 0.00 ? 19   C   A C4     1 
ATOM   597 N  N4     . C   A 1 19 ? 3.427   -4.600  -1.450  1.00 0.00 ? 19   C   A N4     1 
ATOM   598 C  C5     . C   A 1 19 ? 1.091   -5.140  -1.676  1.00 0.00 ? 19   C   A C5     1 
ATOM   599 C  C6     . C   A 1 19 ? 0.075   -5.909  -1.242  1.00 0.00 ? 19   C   A C6     1 
ATOM   600 H  "H5'"  . C   A 1 19 ? -3.892  -8.109  -2.444  1.00 0.00 ? 19   C   A "H5'"  1 
ATOM   601 H  "H5''" . C   A 1 19 ? -4.856  -6.939  -1.521  1.00 0.00 ? 19   C   A "H5''" 1 
ATOM   602 H  "H4'"  . C   A 1 19 ? -3.563  -8.447  -0.050  1.00 0.00 ? 19   C   A "H4'"  1 
ATOM   603 H  "H3'"  . C   A 1 19 ? -2.719  -5.501  -0.013  1.00 0.00 ? 19   C   A "H3'"  1 
ATOM   604 H  "H2'"  . C   A 1 19 ? -1.145  -6.113  1.702   1.00 0.00 ? 19   C   A "H2'"  1 
ATOM   605 H  "HO2'" . C   A 1 19 ? -2.385  -8.673  1.864   1.00 0.00 ? 19   C   A "HO2'" 1 
ATOM   606 H  "H1'"  . C   A 1 19 ? -0.464  -8.619  0.630   1.00 0.00 ? 19   C   A "H1'"  1 
ATOM   607 H  H41    . C   A 1 19 ? 4.307   -4.692  -0.959  1.00 0.00 ? 19   C   A H41    1 
ATOM   608 H  H42    . C   A 1 19 ? 3.345   -3.954  -2.222  1.00 0.00 ? 19   C   A H42    1 
ATOM   609 H  H5     . C   A 1 19 ? 0.932   -4.399  -2.460  1.00 0.00 ? 19   C   A H5     1 
ATOM   610 H  H6     . C   A 1 19 ? -0.918  -5.779  -1.671  1.00 0.00 ? 19   C   A H6     1 
ATOM   611 P  P      . C   A 1 20 ? -4.530  -5.080  1.980   1.00 0.00 ? 20   C   A P      1 
ATOM   612 O  OP1    . C   A 1 20 ? -5.889  -5.301  2.522   1.00 0.00 ? 20   C   A OP1    1 
ATOM   613 O  OP2    . C   A 1 20 ? -4.291  -3.991  1.008   1.00 0.00 ? 20   C   A OP2    1 
ATOM   614 O  "O5'"  . C   A 1 20 ? -3.520  -4.880  3.218   1.00 0.00 ? 20   C   A "O5'"  1 
ATOM   615 C  "C5'"  . C   A 1 20 ? -3.668  -5.663  4.406   1.00 0.00 ? 20   C   A "C5'"  1 
ATOM   616 C  "C4'"  . C   A 1 20 ? -2.643  -5.280  5.470   1.00 0.00 ? 20   C   A "C4'"  1 
ATOM   617 O  "O4'"  . C   A 1 20 ? -1.351  -5.749  5.079   1.00 0.00 ? 20   C   A "O4'"  1 
ATOM   618 C  "C3'"  . C   A 1 20 ? -2.435  -3.791  5.659   1.00 0.00 ? 20   C   A "C3'"  1 
ATOM   619 O  "O3'"  . C   A 1 20 ? -3.365  -3.353  6.652   1.00 0.00 ? 20   C   A "O3'"  1 
ATOM   620 C  "C2'"  . C   A 1 20 ? -1.049  -3.725  6.281   1.00 0.00 ? 20   C   A "C2'"  1 
ATOM   621 O  "O2'"  . C   A 1 20 ? -1.120  -3.961  7.690   1.00 0.00 ? 20   C   A "O2'"  1 
ATOM   622 C  "C1'"  . C   A 1 20 ? -0.324  -4.872  5.579   1.00 0.00 ? 20   C   A "C1'"  1 
ATOM   623 N  N1     . C   A 1 20 ? 0.489   -4.392  4.435   1.00 0.00 ? 20   C   A N1     1 
ATOM   624 C  C2     . C   A 1 20 ? 1.853   -4.200  4.631   1.00 0.00 ? 20   C   A C2     1 
ATOM   625 O  O2     . C   A 1 20 ? 2.360   -4.445  5.723   1.00 0.00 ? 20   C   A O2     1 
ATOM   626 N  N3     . C   A 1 20 ? 2.604   -3.742  3.592   1.00 0.00 ? 20   C   A N3     1 
ATOM   627 C  C4     . C   A 1 20 ? 2.042   -3.479  2.405   1.00 0.00 ? 20   C   A C4     1 
ATOM   628 N  N4     . C   A 1 20 ? 2.829   -3.029  1.427   1.00 0.00 ? 20   C   A N4     1 
ATOM   629 C  C5     . C   A 1 20 ? 0.641   -3.674  2.196   1.00 0.00 ? 20   C   A C5     1 
ATOM   630 C  C6     . C   A 1 20 ? -0.092  -4.128  3.230   1.00 0.00 ? 20   C   A C6     1 
ATOM   631 H  "H5'"  . C   A 1 20 ? -3.540  -6.716  4.154   1.00 0.00 ? 20   C   A "H5'"  1 
ATOM   632 H  "H5''" . C   A 1 20 ? -4.669  -5.513  4.807   1.00 0.00 ? 20   C   A "H5''" 1 
ATOM   633 H  "H4'"  . C   A 1 20 ? -2.920  -5.750  6.413   1.00 0.00 ? 20   C   A "H4'"  1 
ATOM   634 H  "H3'"  . C   A 1 20 ? -2.525  -3.219  4.736   1.00 0.00 ? 20   C   A "H3'"  1 
ATOM   635 H  "H2'"  . C   A 1 20 ? -0.568  -2.774  6.065   1.00 0.00 ? 20   C   A "H2'"  1 
ATOM   636 H  "HO2'" . C   A 1 20 ? -0.682  -4.798  7.862   1.00 0.00 ? 20   C   A "HO2'" 1 
ATOM   637 H  "H1'"  . C   A 1 20 ? 0.305   -5.421  6.284   1.00 0.00 ? 20   C   A "H1'"  1 
ATOM   638 H  H41    . C   A 1 20 ? 3.801   -2.824  1.615   1.00 0.00 ? 20   C   A H41    1 
ATOM   639 H  H42    . C   A 1 20 ? 2.454   -2.891  0.501   1.00 0.00 ? 20   C   A H42    1 
ATOM   640 H  H5     . C   A 1 20 ? 0.173   -3.463  1.234   1.00 0.00 ? 20   C   A H5     1 
ATOM   641 H  H6     . C   A 1 20 ? -1.164  -4.282  3.104   1.00 0.00 ? 20   C   A H6     1 
ATOM   642 P  P      . G   A 1 21 ? -3.785  -1.802  6.745   1.00 0.00 ? 21   G   A P      1 
ATOM   643 O  OP1    . G   A 1 21 ? -5.016  -1.704  7.560   1.00 0.00 ? 21   G   A OP1    1 
ATOM   644 O  OP2    . G   A 1 21 ? -3.756  -1.232  5.380   1.00 0.00 ? 21   G   A OP2    1 
ATOM   645 O  "O5'"  . G   A 1 21 ? -2.571  -1.159  7.586   1.00 0.00 ? 21   G   A "O5'"  1 
ATOM   646 C  "C5'"  . G   A 1 21 ? -2.510  -1.319  9.005   1.00 0.00 ? 21   G   A "C5'"  1 
ATOM   647 C  "C4'"  . G   A 1 21 ? -1.118  -1.015  9.550   1.00 0.00 ? 21   G   A "C4'"  1 
ATOM   648 O  "O4'"  . G   A 1 21 ? -0.125  -1.511  8.645   1.00 0.00 ? 21   G   A "O4'"  1 
ATOM   649 C  "C3'"  . G   A 1 21 ? -0.784  0.456   9.675   1.00 0.00 ? 21   G   A "C3'"  1 
ATOM   650 O  "O3'"  . G   A 1 21 ? -1.213  0.871   10.975  1.00 0.00 ? 21   G   A "O3'"  1 
ATOM   651 C  "C2'"  . G   A 1 21 ? 0.734   0.435   9.677   1.00 0.00 ? 21   G   A "C2'"  1 
ATOM   652 O  "O2'"  . G   A 1 21 ? 1.232   0.027   10.955  1.00 0.00 ? 21   G   A "O2'"  1 
ATOM   653 C  "C1'"  . G   A 1 21 ? 1.015   -0.634  8.622   1.00 0.00 ? 21   G   A "C1'"  1 
ATOM   654 N  N9     . G   A 1 21 ? 1.140   -0.058  7.271   1.00 0.00 ? 21   G   A N9     1 
ATOM   655 C  C8     . G   A 1 21 ? 0.214   -0.040  6.261   1.00 0.00 ? 21   G   A C8     1 
ATOM   656 N  N7     . G   A 1 21 ? 0.621   0.575   5.187   1.00 0.00 ? 21   G   A N7     1 
ATOM   657 C  C5     . G   A 1 21 ? 1.907   0.994   5.507   1.00 0.00 ? 21   G   A C5     1 
ATOM   658 C  C6     . G   A 1 21 ? 2.850   1.718   4.728   1.00 0.00 ? 21   G   A C6     1 
ATOM   659 O  O6     . G   A 1 21 ? 2.725   2.139   3.581   1.00 0.00 ? 21   G   A O6     1 
ATOM   660 N  N1     . G   A 1 21 ? 4.027   1.938   5.426   1.00 0.00 ? 21   G   A N1     1 
ATOM   661 C  C2     . G   A 1 21 ? 4.275   1.513   6.711   1.00 0.00 ? 21   G   A C2     1 
ATOM   662 N  N2     . G   A 1 21 ? 5.467   1.810   7.227   1.00 0.00 ? 21   G   A N2     1 
ATOM   663 N  N3     . G   A 1 21 ? 3.396   0.832   7.452   1.00 0.00 ? 21   G   A N3     1 
ATOM   664 C  C4     . G   A 1 21 ? 2.236   0.610   6.785   1.00 0.00 ? 21   G   A C4     1 
ATOM   665 H  "H5'"  . G   A 1 21 ? -2.776  -2.347  9.255   1.00 0.00 ? 21   G   A "H5'"  1 
ATOM   666 H  "H5''" . G   A 1 21 ? -3.229  -0.644  9.470   1.00 0.00 ? 21   G   A "H5''" 1 
ATOM   667 H  "H4'"  . G   A 1 21 ? -0.997  -1.508  10.511  1.00 0.00 ? 21   G   A "H4'"  1 
ATOM   668 H  "H3'"  . G   A 1 21 ? -1.213  1.069   8.883   1.00 0.00 ? 21   G   A "H3'"  1 
ATOM   669 H  "H2'"  . G   A 1 21 ? 1.146   1.397   9.380   1.00 0.00 ? 21   G   A "H2'"  1 
ATOM   670 H  "HO2'" . G   A 1 21 ? 2.190   0.083   10.919  1.00 0.00 ? 21   G   A "HO2'" 1 
ATOM   671 H  "H1'"  . G   A 1 21 ? 1.917   -1.199  8.862   1.00 0.00 ? 21   G   A "H1'"  1 
ATOM   672 H  H8     . G   A 1 21 ? -0.774  -0.492  6.351   1.00 0.00 ? 21   G   A H8     1 
ATOM   673 H  H1     . G   A 1 21 ? 4.749   2.463   4.953   1.00 0.00 ? 21   G   A H1     1 
ATOM   674 H  H21    . G   A 1 21 ? 6.130   2.351   6.690   1.00 0.00 ? 21   G   A H21    1 
ATOM   675 H  H22    . G   A 1 21 ? 5.709   1.495   8.156   1.00 0.00 ? 21   G   A H22    1 
ATOM   676 P  P      . G   A 1 22 ? -2.255  2.088   11.140  1.00 0.00 ? 22   G   A P      1 
ATOM   677 O  OP1    . G   A 1 22 ? -2.933  1.941   12.447  1.00 0.00 ? 22   G   A OP1    1 
ATOM   678 O  OP2    . G   A 1 22 ? -3.056  2.184   9.899   1.00 0.00 ? 22   G   A OP2    1 
ATOM   679 O  "O5'"  . G   A 1 22 ? -1.288  3.371   11.215  1.00 0.00 ? 22   G   A "O5'"  1 
ATOM   680 C  "C5'"  . G   A 1 22 ? -0.469  3.588   12.364  1.00 0.00 ? 22   G   A "C5'"  1 
ATOM   681 C  "C4'"  . G   A 1 22 ? 0.752   4.432   12.026  1.00 0.00 ? 22   G   A "C4'"  1 
ATOM   682 O  "O4'"  . G   A 1 22 ? 1.540   3.758   11.040  1.00 0.00 ? 22   G   A "O4'"  1 
ATOM   683 C  "C3'"  . G   A 1 22 ? 0.445   5.770   11.386  1.00 0.00 ? 22   G   A "C3'"  1 
ATOM   684 O  "O3'"  . G   A 1 22 ? 0.300   6.723   12.442  1.00 0.00 ? 22   G   A "O3'"  1 
ATOM   685 C  "C2'"  . G   A 1 22 ? 1.740   6.088   10.659  1.00 0.00 ? 22   G   A "C2'"  1 
ATOM   686 O  "O2'"  . G   A 1 22 ? 2.715   6.602   11.571  1.00 0.00 ? 22   G   A "O2'"  1 
ATOM   687 C  "C1'"  . G   A 1 22 ? 2.154   4.706   10.150  1.00 0.00 ? 22   G   A "C1'"  1 
ATOM   688 N  N9     . G   A 1 22 ? 1.676   4.452   8.775   1.00 0.00 ? 22   G   A N9     1 
ATOM   689 C  C8     . G   A 1 22 ? 0.556   3.772   8.363   1.00 0.00 ? 22   G   A C8     1 
ATOM   690 N  N7     . G   A 1 22 ? 0.415   3.736   7.065   1.00 0.00 ? 22   G   A N7     1 
ATOM   691 C  C5     . G   A 1 22 ? 1.516   4.438   6.584   1.00 0.00 ? 22   G   A C5     1 
ATOM   692 C  C6     . G   A 1 22 ? 1.903   4.730   5.244   1.00 0.00 ? 22   G   A C6     1 
ATOM   693 O  O6     . G   A 1 22 ? 1.330   4.433   4.197   1.00 0.00 ? 22   G   A O6     1 
ATOM   694 N  N1     . G   A 1 22 ? 3.082   5.457   5.202   1.00 0.00 ? 22   G   A N1     1 
ATOM   695 C  C2     . G   A 1 22 ? 3.801   5.862   6.302   1.00 0.00 ? 22   G   A C2     1 
ATOM   696 N  N2     . G   A 1 22 ? 4.915   6.557   6.074   1.00 0.00 ? 22   G   A N2     1 
ATOM   697 N  N3     . G   A 1 22 ? 3.447   5.596   7.562   1.00 0.00 ? 22   G   A N3     1 
ATOM   698 C  C4     . G   A 1 22 ? 2.298   4.881   7.626   1.00 0.00 ? 22   G   A C4     1 
ATOM   699 H  "H5'"  . G   A 1 22 ? -0.139  2.626   12.754  1.00 0.00 ? 22   G   A "H5'"  1 
ATOM   700 H  "H5''" . G   A 1 22 ? -1.055  4.099   13.128  1.00 0.00 ? 22   G   A "H5''" 1 
ATOM   701 H  "H4'"  . G   A 1 22 ? 1.350   4.568   12.926  1.00 0.00 ? 22   G   A "H4'"  1 
ATOM   702 H  "H3'"  . G   A 1 22 ? -0.426  5.747   10.732  1.00 0.00 ? 22   G   A "H3'"  1 
ATOM   703 H  "H2'"  . G   A 1 22 ? 1.571   6.777   9.833   1.00 0.00 ? 22   G   A "H2'"  1 
ATOM   704 H  "HO2'" . G   A 1 22 ? 3.581   6.416   11.198  1.00 0.00 ? 22   G   A "HO2'" 1 
ATOM   705 H  "H1'"  . G   A 1 22 ? 3.237   4.585   10.185  1.00 0.00 ? 22   G   A "H1'"  1 
ATOM   706 H  H8     . G   A 1 22 ? -0.146  3.299   9.054   1.00 0.00 ? 22   G   A H8     1 
ATOM   707 H  H1     . G   A 1 22 ? 3.453   5.678   4.289   1.00 0.00 ? 22   G   A H1     1 
ATOM   708 H  H21    . G   A 1 22 ? 5.219   6.727   5.126   1.00 0.00 ? 22   G   A H21    1 
ATOM   709 H  H22    . G   A 1 22 ? 5.456   6.915   6.849   1.00 0.00 ? 22   G   A H22    1 
ATOM   710 P  P      . C   A 1 23 ? -1.046  7.598   12.573  1.00 0.00 ? 23   C   A P      1 
ATOM   711 O  OP1    . C   A 1 23 ? -0.999  8.333   13.858  1.00 0.00 ? 23   C   A OP1    1 
ATOM   712 O  OP2    . C   A 1 23 ? -2.199  6.721   12.267  1.00 0.00 ? 23   C   A OP2    1 
ATOM   713 O  "O5'"  . C   A 1 23 ? -0.892  8.662   11.377  1.00 0.00 ? 23   C   A "O5'"  1 
ATOM   714 C  "C5'"  . C   A 1 23 ? -0.171  9.879   11.583  1.00 0.00 ? 23   C   A "C5'"  1 
ATOM   715 C  "C4'"  . C   A 1 23 ? 0.361   10.449  10.273  1.00 0.00 ? 23   C   A "C4'"  1 
ATOM   716 O  "O4'"  . C   A 1 23 ? 1.050   9.423   9.550   1.00 0.00 ? 23   C   A "O4'"  1 
ATOM   717 C  "C3'"  . C   A 1 23 ? -0.703  10.920  9.299   1.00 0.00 ? 23   C   A "C3'"  1 
ATOM   718 O  "O3'"  . C   A 1 23 ? -0.961  12.298  9.578   1.00 0.00 ? 23   C   A "O3'"  1 
ATOM   719 C  "C2'"  . C   A 1 23 ? 0.024   10.855  7.967   1.00 0.00 ? 23   C   A "C2'"  1 
ATOM   720 O  "O2'"  . C   A 1 23 ? 0.883   11.987  7.808   1.00 0.00 ? 23   C   A "O2'"  1 
ATOM   721 C  "C1'"  . C   A 1 23 ? 0.845   9.577   8.132   1.00 0.00 ? 23   C   A "C1'"  1 
ATOM   722 N  N1     . C   A 1 23 ? 0.132   8.386   7.617   1.00 0.00 ? 23   C   A N1     1 
ATOM   723 C  C2     . C   A 1 23 ? 0.167   8.158   6.249   1.00 0.00 ? 23   C   A C2     1 
ATOM   724 O  O2     . C   A 1 23 ? 0.778   8.927   5.510   1.00 0.00 ? 23   C   A O2     1 
ATOM   725 N  N3     . C   A 1 23 ? -0.486  7.072   5.750   1.00 0.00 ? 23   C   A N3     1 
ATOM   726 C  C4     . C   A 1 23 ? -1.150  6.241   6.564   1.00 0.00 ? 23   C   A C4     1 
ATOM   727 N  N4     . C   A 1 23 ? -1.767  5.194   6.016   1.00 0.00 ? 23   C   A N4     1 
ATOM   728 C  C5     . C   A 1 23 ? -1.191  6.470   7.975   1.00 0.00 ? 23   C   A C5     1 
ATOM   729 C  C6     . C   A 1 23 ? -0.541  7.546   8.456   1.00 0.00 ? 23   C   A C6     1 
ATOM   730 H  "H5'"  . C   A 1 23 ? 0.668   9.686   12.252  1.00 0.00 ? 23   C   A "H5'"  1 
ATOM   731 H  "H5''" . C   A 1 23 ? -0.834  10.610  12.047  1.00 0.00 ? 23   C   A "H5''" 1 
ATOM   732 H  "H4'"  . C   A 1 23 ? 1.058   11.256  10.496  1.00 0.00 ? 23   C   A "H4'"  1 
ATOM   733 H  "H3'"  . C   A 1 23 ? -1.612  10.319  9.327   1.00 0.00 ? 23   C   A "H3'"  1 
ATOM   734 H  "H2'"  . C   A 1 23 ? -0.677  10.768  7.139   1.00 0.00 ? 23   C   A "H2'"  1 
ATOM   735 H  "HO2'" . C   A 1 23 ? 0.358   12.692  7.420   1.00 0.00 ? 23   C   A "HO2'" 1 
ATOM   736 H  "H1'"  . C   A 1 23 ? 1.812   9.668   7.637   1.00 0.00 ? 23   C   A "H1'"  1 
ATOM   737 H  H41    . C   A 1 23 ? -1.792  5.090   5.012   1.00 0.00 ? 23   C   A H41    1 
ATOM   738 H  H42    . C   A 1 23 ? -2.212  4.504   6.606   1.00 0.00 ? 23   C   A H42    1 
ATOM   739 H  H5     . C   A 1 23 ? -1.728  5.800   8.647   1.00 0.00 ? 23   C   A H5     1 
ATOM   740 H  H6     . C   A 1 23 ? -0.551  7.748   9.528   1.00 0.00 ? 23   C   A H6     1 
ATOM   741 P  P      . U   A 1 24 ? -2.472  12.854  9.602   1.00 0.00 ? 24   U   A P      1 
ATOM   742 O  OP1    . U   A 1 24 ? -2.454  14.216  10.182  1.00 0.00 ? 24   U   A OP1    1 
ATOM   743 O  OP2    . U   A 1 24 ? -3.340  11.812  10.191  1.00 0.00 ? 24   U   A OP2    1 
ATOM   744 O  "O5'"  . U   A 1 24 ? -2.826  12.977  8.035   1.00 0.00 ? 24   U   A "O5'"  1 
ATOM   745 C  "C5'"  . U   A 1 24 ? -2.359  14.093  7.273   1.00 0.00 ? 24   U   A "C5'"  1 
ATOM   746 C  "C4'"  . U   A 1 24 ? -2.307  13.774  5.781   1.00 0.00 ? 24   U   A "C4'"  1 
ATOM   747 O  "O4'"  . U   A 1 24 ? -1.822  12.444  5.592   1.00 0.00 ? 24   U   A "O4'"  1 
ATOM   748 C  "C3'"  . U   A 1 24 ? -3.651  13.759  5.083   1.00 0.00 ? 24   U   A "C3'"  1 
ATOM   749 O  "O3'"  . U   A 1 24 ? -3.904  15.087  4.617   1.00 0.00 ? 24   U   A "O3'"  1 
ATOM   750 C  "C2'"  . U   A 1 24 ? -3.386  12.896  3.858   1.00 0.00 ? 24   U   A "C2'"  1 
ATOM   751 O  "O2'"  . U   A 1 24 ? -2.808  13.678  2.809   1.00 0.00 ? 24   U   A "O2'"  1 
ATOM   752 C  "C1'"  . U   A 1 24 ? -2.372  11.877  4.388   1.00 0.00 ? 24   U   A "C1'"  1 
ATOM   753 N  N1     . U   A 1 24 ? -3.007  10.580  4.704   1.00 0.00 ? 24   U   A N1     1 
ATOM   754 C  C2     . U   A 1 24 ? -3.345  9.765   3.639   1.00 0.00 ? 24   U   A C2     1 
ATOM   755 O  O2     . U   A 1 24 ? -3.131  10.082  2.471   1.00 0.00 ? 24   U   A O2     1 
ATOM   756 N  N3     . U   A 1 24 ? -3.946  8.564   3.963   1.00 0.00 ? 24   U   A N3     1 
ATOM   757 C  C4     . U   A 1 24 ? -4.230  8.112   5.237   1.00 0.00 ? 24   U   A C4     1 
ATOM   758 O  O4     . U   A 1 24 ? -4.768  7.018   5.395   1.00 0.00 ? 24   U   A O4     1 
ATOM   759 C  C5     . U   A 1 24 ? -3.847  9.019   6.296   1.00 0.00 ? 24   U   A C5     1 
ATOM   760 C  C6     . U   A 1 24 ? -3.257  10.205  5.999   1.00 0.00 ? 24   U   A C6     1 
ATOM   761 H  "H5'"  . U   A 1 24 ? -1.359  14.364  7.615   1.00 0.00 ? 24   U   A "H5'"  1 
ATOM   762 H  "H5''" . U   A 1 24 ? -3.029  14.938  7.433   1.00 0.00 ? 24   U   A "H5''" 1 
ATOM   763 H  "H4'"  . U   A 1 24 ? -1.628  14.473  5.292   1.00 0.00 ? 24   U   A "H4'"  1 
ATOM   764 H  "H3'"  . U   A 1 24 ? -4.460  13.387  5.709   1.00 0.00 ? 24   U   A "H3'"  1 
ATOM   765 H  "H2'"  . U   A 1 24 ? -4.296  12.402  3.526   1.00 0.00 ? 24   U   A "H2'"  1 
ATOM   766 H  "HO2'" . U   A 1 24 ? -2.043  14.126  3.174   1.00 0.00 ? 24   U   A "HO2'" 1 
ATOM   767 H  "H1'"  . U   A 1 24 ? -1.569  11.720  3.668   1.00 0.00 ? 24   U   A "H1'"  1 
ATOM   768 H  H3     . U   A 1 24 ? -4.209  7.964   3.194   1.00 0.00 ? 24   U   A H3     1 
ATOM   769 H  H5     . U   A 1 24 ? -4.031  8.749   7.336   1.00 0.00 ? 24   U   A H5     1 
ATOM   770 H  H6     . U   A 1 24 ? -2.983  10.879  6.811   1.00 0.00 ? 24   U   A H6     1 
ATOM   771 P  P      . U   A 1 25 ? -5.405  15.552  4.264   1.00 0.00 ? 25   U   A P      1 
ATOM   772 O  OP1    . U   A 1 25 ? -5.438  17.032  4.239   1.00 0.00 ? 25   U   A OP1    1 
ATOM   773 O  OP2    . U   A 1 25 ? -6.338  14.807  5.139   1.00 0.00 ? 25   U   A OP2    1 
ATOM   774 O  "O5'"  . U   A 1 25 ? -5.593  15.018  2.757   1.00 0.00 ? 25   U   A "O5'"  1 
ATOM   775 C  "C5'"  . U   A 1 25 ? -4.909  15.653  1.675   1.00 0.00 ? 25   U   A "C5'"  1 
ATOM   776 C  "C4'"  . U   A 1 25 ? -5.022  14.846  0.385   1.00 0.00 ? 25   U   A "C4'"  1 
ATOM   777 O  "O4'"  . U   A 1 25 ? -4.710  13.474  0.655   1.00 0.00 ? 25   U   A "O4'"  1 
ATOM   778 C  "C3'"  . U   A 1 25 ? -6.414  14.793  -0.214  1.00 0.00 ? 25   U   A "C3'"  1 
ATOM   779 O  "O3'"  . U   A 1 25 ? -6.520  15.877  -1.140  1.00 0.00 ? 25   U   A "O3'"  1 
ATOM   780 C  "C2'"  . U   A 1 25 ? -6.379  13.508  -1.022  1.00 0.00 ? 25   U   A "C2'"  1 
ATOM   781 O  "O2'"  . U   A 1 25 ? -5.708  13.715  -2.268  1.00 0.00 ? 25   U   A "O2'"  1 
ATOM   782 C  "C1'"  . U   A 1 25 ? -5.555  12.598  -0.112  1.00 0.00 ? 25   U   A "C1'"  1 
ATOM   783 N  N1     . U   A 1 25 ? -6.409  11.826  0.819   1.00 0.00 ? 25   U   A N1     1 
ATOM   784 C  C2     . U   A 1 25 ? -6.967  10.646  0.354   1.00 0.00 ? 25   U   A C2     1 
ATOM   785 O  O2     . U   A 1 25 ? -6.772  10.229  -0.785  1.00 0.00 ? 25   U   A O2     1 
ATOM   786 N  N3     . U   A 1 25 ? -7.761  9.960   1.251   1.00 0.00 ? 25   U   A N3     1 
ATOM   787 C  C4     . U   A 1 25 ? -8.042  10.341  2.549   1.00 0.00 ? 25   U   A C4     1 
ATOM   788 O  O4     . U   A 1 25 ? -8.767  9.641   3.252   1.00 0.00 ? 25   U   A O4     1 
ATOM   789 C  C5     . U   A 1 25 ? -7.425  11.581  2.960   1.00 0.00 ? 25   U   A C5     1 
ATOM   790 C  C6     . U   A 1 25 ? -6.640  12.271  2.095   1.00 0.00 ? 25   U   A C6     1 
ATOM   791 H  "H5'"  . U   A 1 25 ? -3.857  15.761  1.934   1.00 0.00 ? 25   U   A "H5'"  1 
ATOM   792 H  "H5''" . U   A 1 25 ? -5.339  16.641  1.513   1.00 0.00 ? 25   U   A "H5''" 1 
ATOM   793 H  "H4'"  . U   A 1 25 ? -4.307  15.235  -0.339  1.00 0.00 ? 25   U   A "H4'"  1 
ATOM   794 H  "H3'"  . U   A 1 25 ? -7.209  14.815  0.531   1.00 0.00 ? 25   U   A "H3'"  1 
ATOM   795 H  "H2'"  . U   A 1 25 ? -7.382  13.111  -1.173  1.00 0.00 ? 25   U   A "H2'"  1 
ATOM   796 H  "HO2'" . U   A 1 25 ? -5.468  12.851  -2.611  1.00 0.00 ? 25   U   A "HO2'" 1 
ATOM   797 H  "H1'"  . U   A 1 25 ? -4.935  11.917  -0.696  1.00 0.00 ? 25   U   A "H1'"  1 
ATOM   798 H  H3     . U   A 1 25 ? -8.180  9.099   0.926   1.00 0.00 ? 25   U   A H3     1 
ATOM   799 H  H5     . U   A 1 25 ? -7.588  11.962  3.969   1.00 0.00 ? 25   U   A H5     1 
ATOM   800 H  H6     . U   A 1 25 ? -6.187  13.207  2.420   1.00 0.00 ? 25   U   A H6     1 
ATOM   801 P  P      . C   A 1 26 ? -7.941  16.584  -1.407  1.00 0.00 ? 26   C   A P      1 
ATOM   802 O  OP1    . C   A 1 26 ? -7.749  17.641  -2.425  1.00 0.00 ? 26   C   A OP1    1 
ATOM   803 O  OP2    . C   A 1 26 ? -8.544  16.922  -0.098  1.00 0.00 ? 26   C   A OP2    1 
ATOM   804 O  "O5'"  . C   A 1 26 ? -8.804  15.398  -2.069  1.00 0.00 ? 26   C   A "O5'"  1 
ATOM   805 C  "C5'"  . C   A 1 26 ? -8.471  14.903  -3.368  1.00 0.00 ? 26   C   A "C5'"  1 
ATOM   806 C  "C4'"  . C   A 1 26 ? -9.494  13.886  -3.867  1.00 0.00 ? 26   C   A "C4'"  1 
ATOM   807 O  "O4'"  . C   A 1 26 ? -9.354  12.671  -3.133  1.00 0.00 ? 26   C   A "O4'"  1 
ATOM   808 C  "C3'"  . C   A 1 26 ? -10.941 14.274  -3.648  1.00 0.00 ? 26   C   A "C3'"  1 
ATOM   809 O  "O3'"  . C   A 1 26 ? -11.367 14.978  -4.817  1.00 0.00 ? 26   C   A "O3'"  1 
ATOM   810 C  "C2'"  . C   A 1 26 ? -11.662 12.932  -3.644  1.00 0.00 ? 26   C   A "C2'"  1 
ATOM   811 O  "O2'"  . C   A 1 26 ? -11.973 12.529  -4.981  1.00 0.00 ? 26   C   A "O2'"  1 
ATOM   812 C  "C1'"  . C   A 1 26 ? -10.618 11.993  -3.032  1.00 0.00 ? 26   C   A "C1'"  1 
ATOM   813 N  N1     . C   A 1 26 ? -10.888 11.710  -1.603  1.00 0.00 ? 26   C   A N1     1 
ATOM   814 C  C2     . C   A 1 26 ? -11.719 10.637  -1.297  1.00 0.00 ? 26   C   A C2     1 
ATOM   815 O  O2     . C   A 1 26 ? -12.205 9.957   -2.197  1.00 0.00 ? 26   C   A O2     1 
ATOM   816 N  N3     . C   A 1 26 ? -11.979 10.363  0.012   1.00 0.00 ? 26   C   A N3     1 
ATOM   817 C  C4     . C   A 1 26 ? -11.444 11.113  0.984   1.00 0.00 ? 26   C   A C4     1 
ATOM   818 N  N4     . C   A 1 26 ? -11.734 10.794  2.245   1.00 0.00 ? 26   C   A N4     1 
ATOM   819 C  C5     . C   A 1 26 ? -10.591 12.218  0.677   1.00 0.00 ? 26   C   A C5     1 
ATOM   820 C  C6     . C   A 1 26 ? -10.340 12.479  -0.620  1.00 0.00 ? 26   C   A C6     1 
ATOM   821 H  "H5'"  . C   A 1 26 ? -7.491  14.429  -3.327  1.00 0.00 ? 26   C   A "H5'"  1 
ATOM   822 H  "H5''" . C   A 1 26 ? -8.433  15.738  -4.067  1.00 0.00 ? 26   C   A "H5''" 1 
ATOM   823 H  "H4'"  . C   A 1 26 ? -9.306  13.687  -4.922  1.00 0.00 ? 26   C   A "H4'"  1 
ATOM   824 H  "H3'"  . C   A 1 26 ? -11.103 14.856  -2.740  1.00 0.00 ? 26   C   A "H3'"  1 
ATOM   825 H  "H2'"  . C   A 1 26 ? -12.560 12.974  -3.027  1.00 0.00 ? 26   C   A "H2'"  1 
ATOM   826 H  "HO2'" . C   A 1 26 ? -12.563 13.191  -5.348  1.00 0.00 ? 26   C   A "HO2'" 1 
ATOM   827 H  "H1'"  . C   A 1 26 ? -10.566 11.055  -3.589  1.00 0.00 ? 26   C   A "H1'"  1 
ATOM   828 H  H41    . C   A 1 26 ? -12.309 9.988   2.443   1.00 0.00 ? 26   C   A H41    1 
ATOM   829 H  H42    . C   A 1 26 ? -11.378 11.360  3.003   1.00 0.00 ? 26   C   A H42    1 
ATOM   830 H  H5     . C   A 1 26 ? -10.151 12.834  1.462   1.00 0.00 ? 26   C   A H5     1 
ATOM   831 H  H6     . C   A 1 26 ? -9.697  13.317  -0.886  1.00 0.00 ? 26   C   A H6     1 
ATOM   832 P  P      . C   A 1 27 ? -12.526 16.091  -4.723  1.00 0.00 ? 27   C   A P      1 
ATOM   833 O  OP1    . C   A 1 27 ? -12.780 16.613  -6.084  1.00 0.00 ? 27   C   A OP1    1 
ATOM   834 O  OP2    . C   A 1 27 ? -12.186 17.024  -3.626  1.00 0.00 ? 27   C   A OP2    1 
ATOM   835 O  "O5'"  . C   A 1 27 ? -13.804 15.226  -4.268  1.00 0.00 ? 27   C   A "O5'"  1 
ATOM   836 C  "C5'"  . C   A 1 27 ? -14.532 15.583  -3.092  1.00 0.00 ? 27   C   A "C5'"  1 
ATOM   837 C  "C4'"  . C   A 1 27 ? -15.791 14.738  -2.932  1.00 0.00 ? 27   C   A "C4'"  1 
ATOM   838 O  "O4'"  . C   A 1 27 ? -15.430 13.446  -2.432  1.00 0.00 ? 27   C   A "O4'"  1 
ATOM   839 C  "C3'"  . C   A 1 27 ? -16.788 15.273  -1.915  1.00 0.00 ? 27   C   A "C3'"  1 
ATOM   840 O  "O3'"  . C   A 1 27 ? -17.678 16.212  -2.525  1.00 0.00 ? 27   C   A "O3'"  1 
ATOM   841 C  "C2'"  . C   A 1 27 ? -17.534 14.006  -1.519  1.00 0.00 ? 27   C   A "C2'"  1 
ATOM   842 O  "O2'"  . C   A 1 27 ? -18.512 13.671  -2.506  1.00 0.00 ? 27   C   A "O2'"  1 
ATOM   843 C  "C1'"  . C   A 1 27 ? -16.414 12.968  -1.504  1.00 0.00 ? 27   C   A "C1'"  1 
ATOM   844 N  N1     . C   A 1 27 ? -15.793 12.827  -0.169  1.00 0.00 ? 27   C   A N1     1 
ATOM   845 C  C2     . C   A 1 27 ? -16.589 12.336  0.856   1.00 0.00 ? 27   C   A C2     1 
ATOM   846 O  O2     . C   A 1 27 ? -17.760 12.033  0.638   1.00 0.00 ? 27   C   A O2     1 
ATOM   847 N  N3     . C   A 1 27 ? -16.044 12.193  2.095   1.00 0.00 ? 27   C   A N3     1 
ATOM   848 C  C4     . C   A 1 27 ? -14.764 12.518  2.321   1.00 0.00 ? 27   C   A C4     1 
ATOM   849 N  N4     . C   A 1 27 ? -14.289 12.349  3.554   1.00 0.00 ? 27   C   A N4     1 
ATOM   850 C  C5     . C   A 1 27 ? -13.937 13.024  1.270   1.00 0.00 ? 27   C   A C5     1 
ATOM   851 C  C6     . C   A 1 27 ? -14.487 13.162  0.050   1.00 0.00 ? 27   C   A C6     1 
ATOM   852 H  "H5'"  . C   A 1 27 ? -14.814 16.633  -3.155  1.00 0.00 ? 27   C   A "H5'"  1 
ATOM   853 H  "H5''" . C   A 1 27 ? -13.893 15.439  -2.221  1.00 0.00 ? 27   C   A "H5''" 1 
ATOM   854 H  "H4'"  . C   A 1 27 ? -16.264 14.621  -3.906  1.00 0.00 ? 27   C   A "H4'"  1 
ATOM   855 H  "H3'"  . C   A 1 27 ? -16.278 15.714  -1.056  1.00 0.00 ? 27   C   A "H3'"  1 
ATOM   856 H  "HO3'" . C   A 1 27 ? -18.571 15.951  -2.290  1.00 0.00 ? 27   C   A "HO3'" 1 
ATOM   857 H  "H2'"  . C   A 1 27 ? -17.986 14.110  -0.533  1.00 0.00 ? 27   C   A "H2'"  1 
ATOM   858 H  "HO2'" . C   A 1 27 ? -18.404 12.739  -2.709  1.00 0.00 ? 27   C   A "HO2'" 1 
ATOM   859 H  "H1'"  . C   A 1 27 ? -16.781 11.996  -1.836  1.00 0.00 ? 27   C   A "H1'"  1 
ATOM   860 H  H41    . C   A 1 27 ? -14.904 12.036  4.293   1.00 0.00 ? 27   C   A H41    1 
ATOM   861 H  H42    . C   A 1 27 ? -13.316 12.532  3.751   1.00 0.00 ? 27   C   A H42    1 
ATOM   862 H  H5     . C   A 1 27 ? -12.893 13.292  1.441   1.00 0.00 ? 27   C   A H5     1 
ATOM   863 H  H6     . C   A 1 27 ? -13.883 13.546  -0.773  1.00 0.00 ? 27   C   A H6     1 
HETATM 864 CO CO     . NCO B 2 .  ? 0.620   0.945   0.051   1.00 0.00 ? 1028 NCO A CO     1 
HETATM 865 N  N1     . NCO B 2 .  ? 2.227   1.326   -1.064  1.00 0.00 ? 1028 NCO A N1     1 
HETATM 866 N  N2     . NCO B 2 .  ? 1.766   -0.030  1.359   1.00 0.00 ? 1028 NCO A N2     1 
HETATM 867 N  N3     . NCO B 2 .  ? -0.527  1.919   -1.257  1.00 0.00 ? 1028 NCO A N3     1 
HETATM 868 N  N4     . NCO B 2 .  ? 0.317   -0.750  -0.956  1.00 0.00 ? 1028 NCO A N4     1 
HETATM 869 N  N5     . NCO B 2 .  ? -0.988  0.562   1.166   1.00 0.00 ? 1028 NCO A N5     1 
HETATM 870 N  N6     . NCO B 2 .  ? 0.922   2.639   1.057   1.00 0.00 ? 1028 NCO A N6     1 
HETATM 871 H  HN11   . NCO B 2 .  ? 3.080   1.106   -0.571  1.00 0.00 ? 1028 NCO A HN11   1 
HETATM 872 H  HN12   . NCO B 2 .  ? 2.225   0.785   -1.918  1.00 0.00 ? 1028 NCO A HN12   1 
HETATM 873 H  HN21   . NCO B 2 .  ? 1.219   -0.637  1.953   1.00 0.00 ? 1028 NCO A HN21   1 
HETATM 874 H  HN22   . NCO B 2 .  ? 2.454   -0.604  0.894   1.00 0.00 ? 1028 NCO A HN22   1 
HETATM 875 H  HN31   . NCO B 2 .  ? -1.213  2.495   -0.792  1.00 0.00 ? 1028 NCO A HN31   1 
HETATM 876 H  HN32   . NCO B 2 .  ? 0.020   2.524   -1.852  1.00 0.00 ? 1028 NCO A HN32   1 
HETATM 877 H  HN41   . NCO B 2 .  ? 1.012   -1.446  -0.730  1.00 0.00 ? 1028 NCO A HN41   1 
HETATM 878 H  HN42   . NCO B 2 .  ? -0.586  -1.148  -0.746  1.00 0.00 ? 1028 NCO A HN42   1 
HETATM 879 H  HN51   . NCO B 2 .  ? -1.841  0.787   0.674   1.00 0.00 ? 1028 NCO A HN51   1 
HETATM 880 H  HN52   . NCO B 2 .  ? -1.039  -0.413  1.423   1.00 0.00 ? 1028 NCO A HN52   1 
HETATM 881 H  HN53   . NCO B 2 .  ? -0.984  1.099   2.021   1.00 0.00 ? 1028 NCO A HN53   1 
HETATM 882 H  HN61   . NCO B 2 .  ? 1.827   3.035   0.850   1.00 0.00 ? 1028 NCO A HN61   1 
HETATM 883 H  HN62   . NCO B 2 .  ? 0.229   3.336   0.828   1.00 0.00 ? 1028 NCO A HN62   1 
HETATM 884 H  HN63   . NCO B 2 .  ? 0.880   2.491   2.055   1.00 0.00 ? 1028 NCO A HN63   1 
# 
